data_8KBH
#
_entry.id   8KBH
#
_cell.length_a   140.725
_cell.length_b   81.244
_cell.length_c   128.586
_cell.angle_alpha   90.00
_cell.angle_beta   106.23
_cell.angle_gamma   90.00
#
_symmetry.space_group_name_H-M   'C 1 2 1'
#
loop_
_entity.id
_entity.type
_entity.pdbx_description
1 polymer 'Thoeris anti-defense 1'
2 polymer 'Thoeris anti-defense 1'
3 polymer (2-ACETYL-5-METHYLANILINO)(2,6-DIBROMOPHENYL)ACETAMIDE
4 non-polymer cGAMP
5 water water
#
loop_
_entity_poly.entity_id
_entity_poly.type
_entity_poly.pdbx_seq_one_letter_code
_entity_poly.pdbx_strand_id
1 'polypeptide(L)'
;PMKELSTIQKREKLNTVERIGSEGPGGAYHEYVIKSNSMDSQGNYDVYETIKFQKGARKEEKSQHGVIDSDLLEIVRDRL
KSFQAGPFSSRENACALTHVEEALMWMNRRVEDRIERNVLGTNTK
;
D,E,F,G,H,A,B,C
2 'polypeptide(L)'
;KELSTIQKREKLNTVERIGSEGPGGAYHEYVIKSNSMDSQGNYDVYETIKFQKGARKEEKSQHGVIDSDLLEIVRDRLKS
FQAGPFSSRENACALTHVEEALMWMNRRVEDRIERNVLGTNTK
;
I
3 'polyribonucleotide' AAA J,K,L
#
# COMPACT_ATOMS: atom_id res chain seq x y z
N MET A 2 14.11 -4.82 -34.94
CA MET A 2 14.47 -3.59 -35.70
C MET A 2 14.23 -2.26 -34.89
N LYS A 3 13.06 -1.62 -35.08
CA LYS A 3 12.54 -0.78 -34.02
C LYS A 3 11.85 -1.60 -32.95
N GLU A 4 11.75 -2.91 -33.15
CA GLU A 4 11.49 -3.87 -32.09
C GLU A 4 12.27 -3.54 -30.84
N LEU A 5 11.60 -3.56 -29.68
CA LEU A 5 12.34 -3.52 -28.43
C LEU A 5 12.89 -4.91 -28.13
N SER A 6 14.19 -4.99 -27.82
CA SER A 6 14.80 -6.20 -27.30
C SER A 6 14.48 -6.28 -25.81
N THR A 7 13.66 -7.24 -25.41
CA THR A 7 13.13 -7.28 -24.06
C THR A 7 13.89 -8.27 -23.19
N ILE A 8 13.74 -8.10 -21.88
CA ILE A 8 14.35 -9.02 -20.93
C ILE A 8 13.66 -10.38 -21.01
N GLN A 9 12.34 -10.39 -21.14
CA GLN A 9 11.61 -11.64 -21.36
C GLN A 9 11.85 -12.18 -22.78
N LYS A 10 12.24 -13.44 -22.89
CA LYS A 10 12.43 -14.04 -24.20
C LYS A 10 11.38 -15.09 -24.55
N ARG A 11 10.73 -15.68 -23.55
CA ARG A 11 9.88 -16.86 -23.72
C ARG A 11 8.42 -16.53 -23.41
N GLU A 12 7.52 -17.02 -24.28
CA GLU A 12 6.08 -16.96 -24.03
C GLU A 12 5.58 -15.52 -23.94
N LYS A 13 6.07 -14.67 -24.85
CA LYS A 13 5.72 -13.25 -24.84
C LYS A 13 4.30 -13.07 -25.37
N LEU A 14 3.48 -12.29 -24.66
CA LEU A 14 2.16 -11.96 -25.17
C LEU A 14 2.24 -11.00 -26.36
N ASN A 15 3.07 -9.96 -26.23
CA ASN A 15 3.08 -8.86 -27.18
C ASN A 15 4.51 -8.50 -27.59
N THR A 16 4.60 -7.76 -28.69
CA THR A 16 5.80 -7.06 -29.11
C THR A 16 5.62 -5.56 -28.89
N VAL A 17 6.72 -4.87 -28.62
CA VAL A 17 6.73 -3.42 -28.47
C VAL A 17 7.64 -2.82 -29.53
N GLU A 18 7.18 -1.75 -30.16
CA GLU A 18 7.92 -1.06 -31.21
C GLU A 18 7.96 0.43 -30.93
N ARG A 19 9.09 1.05 -31.24
CA ARG A 19 9.14 2.50 -31.37
C ARG A 19 8.36 2.94 -32.61
N ILE A 20 7.67 4.08 -32.50
CA ILE A 20 7.13 4.79 -33.66
C ILE A 20 7.73 6.17 -33.76
N GLY A 21 7.92 6.61 -35.00
CA GLY A 21 8.36 7.95 -35.29
C GLY A 21 9.87 8.08 -35.19
N SER A 22 10.31 9.26 -34.78
CA SER A 22 11.70 9.63 -34.76
C SER A 22 12.13 9.96 -33.35
N GLU A 23 13.44 10.06 -33.16
CA GLU A 23 13.99 10.57 -31.91
C GLU A 23 13.47 11.99 -31.67
N GLY A 24 13.25 12.31 -30.40
CA GLY A 24 12.75 13.62 -30.03
C GLY A 24 13.62 14.28 -28.97
N PRO A 25 12.99 15.10 -28.12
CA PRO A 25 13.75 15.83 -27.10
C PRO A 25 14.52 14.89 -26.18
N GLY A 26 15.75 15.29 -25.87
CA GLY A 26 16.61 14.52 -24.99
C GLY A 26 17.17 13.25 -25.58
N GLY A 27 16.79 12.88 -26.79
CA GLY A 27 17.31 11.70 -27.44
C GLY A 27 16.41 10.48 -27.40
N ALA A 28 15.17 10.64 -26.96
CA ALA A 28 14.27 9.51 -26.75
C ALA A 28 13.10 9.55 -27.74
N TYR A 29 12.47 8.39 -27.90
CA TYR A 29 11.24 8.29 -28.65
C TYR A 29 10.05 8.61 -27.76
N HIS A 30 9.02 9.19 -28.35
CA HIS A 30 7.86 9.62 -27.58
C HIS A 30 6.57 8.95 -28.03
N GLU A 31 6.65 7.90 -28.84
CA GLU A 31 5.47 7.12 -29.20
C GLU A 31 5.86 5.65 -29.34
N TYR A 32 5.04 4.76 -28.77
CA TYR A 32 5.31 3.32 -28.74
C TYR A 32 4.03 2.55 -29.03
N VAL A 33 4.16 1.47 -29.81
CA VAL A 33 3.06 0.54 -30.08
C VAL A 33 3.31 -0.78 -29.36
N ILE A 34 2.27 -1.28 -28.71
CA ILE A 34 2.24 -2.64 -28.17
C ILE A 34 1.25 -3.43 -29.03
N LYS A 35 1.75 -4.48 -29.69
CA LYS A 35 0.89 -5.28 -30.56
C LYS A 35 1.01 -6.77 -30.25
N SER A 36 -0.10 -7.48 -30.38
CA SER A 36 -0.14 -8.89 -29.95
C SER A 36 0.75 -9.77 -30.82
N ASN A 37 1.36 -10.76 -30.19
CA ASN A 37 1.99 -11.87 -30.89
C ASN A 37 0.98 -12.89 -31.37
N SER A 38 -0.30 -12.51 -31.34
CA SER A 38 -1.40 -13.36 -31.74
C SER A 38 -2.32 -12.55 -32.64
N MET A 39 -3.12 -13.26 -33.43
CA MET A 39 -4.11 -12.62 -34.27
C MET A 39 -5.45 -13.32 -34.11
N ASP A 40 -6.50 -12.56 -34.37
CA ASP A 40 -7.86 -13.06 -34.18
C ASP A 40 -8.23 -13.97 -35.35
N SER A 41 -9.50 -14.38 -35.39
CA SER A 41 -10.02 -15.23 -36.46
C SER A 41 -9.90 -14.59 -37.84
N GLN A 42 -9.52 -13.32 -37.92
CA GLN A 42 -9.53 -12.59 -39.19
C GLN A 42 -8.16 -12.03 -39.55
N GLY A 43 -7.10 -12.62 -39.02
CA GLY A 43 -5.75 -12.17 -39.33
C GLY A 43 -5.42 -10.80 -38.84
N ASN A 44 -6.18 -10.27 -37.89
CA ASN A 44 -5.95 -8.95 -37.33
C ASN A 44 -5.37 -9.09 -35.92
N TYR A 45 -4.52 -8.13 -35.54
CA TYR A 45 -3.97 -8.15 -34.20
C TYR A 45 -5.08 -8.20 -33.16
N ASP A 46 -4.92 -9.10 -32.19
CA ASP A 46 -5.77 -9.07 -31.00
C ASP A 46 -5.54 -7.81 -30.18
N VAL A 47 -4.33 -7.23 -30.26
CA VAL A 47 -3.94 -6.09 -29.45
C VAL A 47 -3.17 -5.11 -30.32
N TYR A 48 -3.49 -3.83 -30.19
CA TYR A 48 -2.75 -2.79 -30.89
C TYR A 48 -2.94 -1.46 -30.16
N GLU A 49 -2.23 -1.25 -29.05
CA GLU A 49 -2.22 0.05 -28.36
C GLU A 49 -1.09 0.93 -28.86
N THR A 50 -1.40 2.22 -28.93
CA THR A 50 -0.40 3.27 -29.06
C THR A 50 -0.34 4.07 -27.77
N ILE A 51 0.86 4.38 -27.33
CA ILE A 51 1.12 5.21 -26.16
C ILE A 51 1.93 6.40 -26.63
N LYS A 52 1.43 7.59 -26.36
CA LYS A 52 2.06 8.85 -26.78
C LYS A 52 2.48 9.61 -25.53
N PHE A 53 3.76 10.00 -25.47
CA PHE A 53 4.33 10.63 -24.30
C PHE A 53 4.35 12.15 -24.44
N GLN A 54 4.34 12.82 -23.30
CA GLN A 54 4.50 14.28 -23.28
C GLN A 54 5.80 14.64 -23.97
N LYS A 55 5.72 15.62 -24.88
CA LYS A 55 6.84 15.95 -25.77
C LYS A 55 6.89 17.47 -25.90
N GLY A 56 7.85 18.08 -25.20
CA GLY A 56 7.83 19.51 -24.99
C GLY A 56 7.14 19.86 -23.68
N ALA A 57 7.40 21.08 -23.24
CA ALA A 57 6.84 21.52 -21.97
C ALA A 57 5.32 21.52 -22.02
N ARG A 58 4.69 21.02 -20.95
CA ARG A 58 3.23 21.00 -20.86
C ARG A 58 2.62 22.40 -20.94
N LYS A 59 3.33 23.45 -20.45
CA LYS A 59 2.70 24.77 -20.38
C LYS A 59 2.85 25.56 -21.70
N GLU A 60 3.63 25.08 -22.67
CA GLU A 60 3.58 25.60 -24.04
C GLU A 60 2.64 24.75 -24.90
N GLU A 61 2.14 25.34 -25.99
CA GLU A 61 0.95 24.79 -26.64
C GLU A 61 1.23 24.01 -27.91
N LYS A 62 2.32 24.28 -28.62
CA LYS A 62 2.73 23.40 -29.72
C LYS A 62 3.39 22.10 -29.24
N SER A 63 3.57 21.91 -27.94
CA SER A 63 4.06 20.62 -27.45
C SER A 63 3.02 19.53 -27.69
N GLN A 64 3.50 18.31 -27.92
CA GLN A 64 2.64 17.12 -27.90
C GLN A 64 2.37 16.76 -26.45
N HIS A 65 1.13 16.94 -26.00
CA HIS A 65 0.79 16.57 -24.64
C HIS A 65 0.50 15.07 -24.56
N GLY A 66 0.90 14.46 -23.46
CA GLY A 66 0.73 13.02 -23.33
C GLY A 66 1.12 12.53 -21.96
N VAL A 67 1.28 11.21 -21.87
CA VAL A 67 1.59 10.55 -20.62
C VAL A 67 3.05 10.77 -20.26
N ILE A 68 3.40 10.44 -19.02
CA ILE A 68 4.78 10.46 -18.56
C ILE A 68 5.06 9.10 -17.94
N ASP A 69 6.35 8.76 -17.81
CA ASP A 69 6.74 7.40 -17.43
C ASP A 69 6.22 7.02 -16.05
N SER A 70 6.22 7.99 -15.12
CA SER A 70 5.66 7.77 -13.80
C SER A 70 4.22 7.29 -13.87
N ASP A 71 3.43 7.79 -14.83
CA ASP A 71 2.05 7.31 -14.93
C ASP A 71 2.00 5.81 -15.19
N LEU A 72 2.84 5.33 -16.10
CA LEU A 72 2.83 3.90 -16.40
C LEU A 72 3.31 3.08 -15.21
N LEU A 73 4.35 3.56 -14.51
CA LEU A 73 4.77 2.77 -13.35
C LEU A 73 3.74 2.82 -12.23
N GLU A 74 3.02 3.94 -12.07
CA GLU A 74 1.98 3.98 -11.05
C GLU A 74 0.86 2.99 -11.37
N ILE A 75 0.52 2.85 -12.65
CA ILE A 75 -0.46 1.83 -13.04
C ILE A 75 0.02 0.45 -12.64
N VAL A 76 1.26 0.12 -13.01
CA VAL A 76 1.84 -1.18 -12.69
C VAL A 76 1.92 -1.38 -11.18
N ARG A 77 2.33 -0.35 -10.44
CA ARG A 77 2.37 -0.41 -9.00
C ARG A 77 1.00 -0.76 -8.41
N ASP A 78 -0.06 -0.13 -8.93
CA ASP A 78 -1.40 -0.40 -8.43
C ASP A 78 -1.82 -1.82 -8.73
N ARG A 79 -1.50 -2.30 -9.93
CA ARG A 79 -1.89 -3.65 -10.27
C ARG A 79 -1.14 -4.65 -9.39
N LEU A 80 0.18 -4.47 -9.23
CA LEU A 80 0.96 -5.40 -8.41
C LEU A 80 0.49 -5.41 -6.97
N LYS A 81 0.19 -4.22 -6.40
CA LYS A 81 -0.42 -4.21 -5.08
C LYS A 81 -1.71 -5.03 -5.05
N SER A 82 -2.55 -4.89 -6.06
CA SER A 82 -3.82 -5.62 -6.10
C SER A 82 -3.58 -7.12 -6.17
N PHE A 83 -2.65 -7.53 -7.02
CA PHE A 83 -2.35 -8.96 -7.18
C PHE A 83 -1.78 -9.53 -5.90
N GLN A 84 -1.02 -8.72 -5.14
CA GLN A 84 -0.46 -9.21 -3.90
C GLN A 84 -1.52 -9.30 -2.80
N ALA A 85 -2.57 -8.46 -2.87
CA ALA A 85 -3.67 -8.60 -1.93
C ALA A 85 -4.62 -9.74 -2.31
N GLY A 86 -4.52 -10.27 -3.52
CA GLY A 86 -5.45 -11.26 -4.03
C GLY A 86 -4.91 -12.67 -3.94
N PRO A 87 -5.57 -13.61 -4.63
CA PRO A 87 -5.28 -15.02 -4.41
C PRO A 87 -4.05 -15.53 -5.11
N PHE A 88 -3.50 -14.80 -6.09
CA PHE A 88 -2.41 -15.28 -6.92
C PHE A 88 -1.14 -14.46 -6.66
N SER A 89 -0.89 -14.17 -5.40
CA SER A 89 0.29 -13.41 -5.02
C SER A 89 1.54 -14.26 -5.16
N SER A 90 2.71 -13.60 -5.12
CA SER A 90 3.98 -14.33 -5.19
C SER A 90 5.11 -13.44 -4.69
N ARG A 91 6.22 -14.10 -4.34
CA ARG A 91 7.46 -13.41 -4.00
C ARG A 91 8.01 -12.64 -5.18
N GLU A 92 7.89 -13.21 -6.39
CA GLU A 92 8.37 -12.54 -7.59
C GLU A 92 7.64 -11.22 -7.80
N ASN A 93 6.31 -11.24 -7.65
CA ASN A 93 5.51 -10.02 -7.67
C ASN A 93 6.02 -9.02 -6.65
N ALA A 94 6.37 -9.48 -5.44
CA ALA A 94 6.73 -8.57 -4.38
C ALA A 94 8.05 -7.88 -4.69
N CYS A 95 8.99 -8.64 -5.23
CA CYS A 95 10.27 -8.05 -5.60
C CYS A 95 10.09 -7.06 -6.75
N ALA A 96 9.29 -7.44 -7.75
CA ALA A 96 9.00 -6.50 -8.84
C ALA A 96 8.36 -5.23 -8.31
N LEU A 97 7.39 -5.35 -7.41
CA LEU A 97 6.68 -4.19 -6.91
C LEU A 97 7.61 -3.27 -6.13
N THR A 98 8.48 -3.82 -5.28
CA THR A 98 9.40 -2.97 -4.53
C THR A 98 10.37 -2.27 -5.47
N HIS A 99 10.80 -2.95 -6.54
CA HIS A 99 11.68 -2.27 -7.50
C HIS A 99 10.91 -1.18 -8.25
N VAL A 100 9.65 -1.45 -8.61
CA VAL A 100 8.82 -0.42 -9.26
C VAL A 100 8.69 0.80 -8.37
N GLU A 101 8.39 0.60 -7.09
CA GLU A 101 8.24 1.72 -6.18
C GLU A 101 9.55 2.48 -5.96
N GLU A 102 10.71 1.78 -5.87
CA GLU A 102 11.98 2.50 -5.80
C GLU A 102 12.27 3.26 -7.09
N ALA A 103 11.94 2.69 -8.27
CA ALA A 103 12.06 3.46 -9.50
C ALA A 103 11.22 4.74 -9.44
N LEU A 104 9.99 4.64 -8.95
CA LEU A 104 9.12 5.82 -8.88
C LEU A 104 9.69 6.85 -7.93
N MET A 105 10.20 6.41 -6.78
CA MET A 105 10.81 7.37 -5.87
C MET A 105 12.05 8.03 -6.46
N TRP A 106 12.79 7.33 -7.33
CA TRP A 106 13.92 7.99 -8.01
C TRP A 106 13.43 8.96 -9.09
N MET A 107 12.37 8.61 -9.80
CA MET A 107 11.74 9.57 -10.72
C MET A 107 11.29 10.83 -10.00
N ASN A 108 10.71 10.67 -8.81
CA ASN A 108 10.33 11.82 -8.00
C ASN A 108 11.53 12.59 -7.48
N ARG A 109 12.63 11.88 -7.19
CA ARG A 109 13.88 12.56 -6.84
C ARG A 109 14.31 13.49 -7.95
N ARG A 110 14.21 13.00 -9.19
CA ARG A 110 14.57 13.82 -10.35
C ARG A 110 13.69 15.06 -10.43
N VAL A 111 12.38 14.87 -10.26
CA VAL A 111 11.46 16.01 -10.34
C VAL A 111 11.75 17.04 -9.26
N GLU A 112 11.96 16.59 -8.02
CA GLU A 112 12.22 17.55 -6.96
C GLU A 112 13.57 18.23 -7.11
N ASP A 113 14.58 17.49 -7.59
CA ASP A 113 15.88 18.09 -7.87
C ASP A 113 15.73 19.19 -8.93
N ARG A 114 14.92 18.94 -9.96
CA ARG A 114 14.75 19.93 -11.02
C ARG A 114 13.90 21.11 -10.57
N ILE A 115 12.93 20.88 -9.69
CA ILE A 115 12.19 21.98 -9.07
C ILE A 115 13.16 22.88 -8.31
N GLU A 116 14.01 22.28 -7.47
CA GLU A 116 14.92 23.05 -6.62
C GLU A 116 15.89 23.89 -7.44
N ARG A 117 16.26 23.42 -8.63
CA ARG A 117 17.18 24.14 -9.50
C ARG A 117 16.46 25.02 -10.52
N ASN A 118 15.13 25.07 -10.48
CA ASN A 118 14.31 25.74 -11.48
C ASN A 118 14.72 25.37 -12.90
N VAL A 119 14.77 24.07 -13.16
CA VAL A 119 14.95 23.56 -14.51
C VAL A 119 13.85 22.61 -14.95
N LEU A 120 12.92 22.26 -14.05
CA LEU A 120 11.77 21.43 -14.42
C LEU A 120 10.97 22.07 -15.54
N GLY A 121 10.76 21.32 -16.62
CA GLY A 121 10.07 21.84 -17.79
C GLY A 121 10.94 22.62 -18.74
N THR A 122 12.26 22.59 -18.56
CA THR A 122 13.20 23.24 -19.47
C THR A 122 14.21 22.22 -19.96
N ASN A 123 14.62 22.36 -21.21
CA ASN A 123 15.56 21.43 -21.83
C ASN A 123 16.97 21.77 -21.37
N THR A 124 17.32 21.25 -20.20
CA THR A 124 18.54 21.60 -19.49
C THR A 124 18.94 20.39 -18.66
N LYS A 125 20.24 20.15 -18.56
CA LYS A 125 20.72 19.02 -17.78
C LYS A 125 20.49 19.23 -16.29
N MET B 2 -11.64 8.01 -3.97
CA MET B 2 -11.91 7.85 -5.40
C MET B 2 -11.10 6.75 -6.07
N LYS B 3 -11.41 6.51 -7.35
CA LYS B 3 -10.66 5.58 -8.17
C LYS B 3 -9.37 6.19 -8.70
N GLU B 4 -9.06 7.40 -8.25
CA GLU B 4 -7.81 8.07 -8.58
C GLU B 4 -6.68 7.45 -7.76
N LEU B 5 -5.55 7.21 -8.42
CA LEU B 5 -4.41 6.61 -7.75
C LEU B 5 -3.69 7.63 -6.89
N SER B 6 -3.33 7.22 -5.68
CA SER B 6 -2.44 8.01 -4.83
C SER B 6 -1.02 7.68 -5.23
N THR B 7 -0.31 8.66 -5.77
CA THR B 7 0.97 8.42 -6.42
C THR B 7 2.14 8.85 -5.53
N ILE B 8 3.31 8.28 -5.83
CA ILE B 8 4.54 8.68 -5.16
C ILE B 8 4.80 10.17 -5.38
N GLN B 9 4.66 10.63 -6.62
CA GLN B 9 4.87 12.04 -6.89
C GLN B 9 3.74 12.89 -6.31
N LYS B 10 4.11 13.93 -5.57
CA LYS B 10 3.12 14.81 -4.98
C LYS B 10 3.03 16.21 -5.56
N ARG B 11 4.09 16.74 -6.19
CA ARG B 11 4.02 18.13 -6.65
C ARG B 11 4.30 18.19 -8.14
N GLU B 12 3.74 19.21 -8.78
CA GLU B 12 3.95 19.47 -10.21
C GLU B 12 3.61 18.26 -11.08
N LYS B 13 2.54 17.55 -10.71
CA LYS B 13 2.12 16.38 -11.47
C LYS B 13 1.47 16.79 -12.78
N LEU B 14 1.90 16.16 -13.88
CA LEU B 14 1.31 16.44 -15.18
C LEU B 14 -0.08 15.85 -15.31
N ASN B 15 -0.27 14.61 -14.84
CA ASN B 15 -1.50 13.87 -15.09
C ASN B 15 -1.96 13.20 -13.80
N THR B 16 -3.25 12.85 -13.77
CA THR B 16 -3.80 11.94 -12.78
C THR B 16 -4.08 10.60 -13.45
N VAL B 17 -4.06 9.55 -12.65
CA VAL B 17 -4.38 8.21 -13.13
C VAL B 17 -5.58 7.69 -12.34
N GLU B 18 -6.51 7.04 -13.04
CA GLU B 18 -7.67 6.44 -12.41
C GLU B 18 -7.81 5.00 -12.86
N ARG B 19 -8.27 4.13 -11.97
CA ARG B 19 -8.61 2.79 -12.35
C ARG B 19 -10.06 2.79 -12.84
N ILE B 20 -10.35 1.98 -13.86
CA ILE B 20 -11.65 1.97 -14.51
C ILE B 20 -12.24 0.57 -14.45
N GLY B 21 -13.56 0.50 -14.31
CA GLY B 21 -14.21 -0.78 -14.25
C GLY B 21 -14.23 -1.33 -12.84
N SER B 22 -14.37 -2.64 -12.78
CA SER B 22 -14.47 -3.34 -11.52
C SER B 22 -13.26 -4.26 -11.34
N GLU B 23 -13.08 -4.69 -10.09
CA GLU B 23 -12.01 -5.60 -9.76
C GLU B 23 -12.25 -6.94 -10.46
N GLY B 24 -11.20 -7.46 -11.10
CA GLY B 24 -11.34 -8.64 -11.95
C GLY B 24 -10.49 -9.79 -11.45
N PRO B 25 -10.03 -10.65 -12.38
CA PRO B 25 -9.25 -11.83 -11.97
C PRO B 25 -8.01 -11.46 -11.19
N GLY B 26 -7.75 -12.24 -10.14
CA GLY B 26 -6.63 -11.98 -9.26
C GLY B 26 -6.85 -10.84 -8.28
N GLY B 27 -7.96 -10.11 -8.38
CA GLY B 27 -8.25 -8.99 -7.52
C GLY B 27 -7.87 -7.64 -8.09
N ALA B 28 -7.43 -7.58 -9.34
CA ALA B 28 -6.87 -6.37 -9.91
C ALA B 28 -7.81 -5.73 -10.92
N TYR B 29 -7.52 -4.47 -11.21
CA TYR B 29 -8.18 -3.75 -12.28
C TYR B 29 -7.42 -3.95 -13.57
N HIS B 30 -8.16 -3.98 -14.69
CA HIS B 30 -7.55 -4.29 -15.97
C HIS B 30 -7.77 -3.20 -17.00
N GLU B 31 -8.20 -2.01 -16.57
CA GLU B 31 -8.30 -0.84 -17.41
C GLU B 31 -8.00 0.40 -16.58
N TYR B 32 -7.24 1.32 -17.16
CA TYR B 32 -6.82 2.53 -16.47
C TYR B 32 -6.93 3.72 -17.41
N VAL B 33 -7.13 4.91 -16.84
CA VAL B 33 -7.13 6.15 -17.61
C VAL B 33 -6.06 7.08 -17.05
N ILE B 34 -5.31 7.71 -17.94
CA ILE B 34 -4.40 8.80 -17.61
C ILE B 34 -4.97 10.07 -18.21
N LYS B 35 -5.17 11.09 -17.40
CA LYS B 35 -5.74 12.33 -17.92
C LYS B 35 -4.98 13.54 -17.40
N SER B 36 -4.89 14.57 -18.24
CA SER B 36 -4.11 15.75 -17.91
C SER B 36 -4.73 16.49 -16.73
N ASN B 37 -3.87 17.07 -15.90
CA ASN B 37 -4.29 18.00 -14.85
C ASN B 37 -4.64 19.37 -15.40
N SER B 38 -4.45 19.59 -16.69
CA SER B 38 -4.76 20.86 -17.34
C SER B 38 -5.81 20.64 -18.43
N MET B 39 -6.54 21.71 -18.73
CA MET B 39 -7.55 21.70 -19.77
C MET B 39 -7.16 22.70 -20.84
N ASP B 40 -7.69 22.49 -22.04
CA ASP B 40 -7.44 23.40 -23.15
C ASP B 40 -8.43 24.55 -23.12
N SER B 41 -8.38 25.39 -24.15
CA SER B 41 -9.43 26.38 -24.38
C SER B 41 -10.78 25.71 -24.53
N GLN B 42 -10.80 24.53 -25.15
CA GLN B 42 -12.06 23.82 -25.41
C GLN B 42 -12.73 23.39 -24.12
N GLY B 43 -11.97 23.23 -23.03
CA GLY B 43 -12.48 22.77 -21.75
C GLY B 43 -12.26 21.31 -21.47
N ASN B 44 -11.99 20.50 -22.50
CA ASN B 44 -11.73 19.08 -22.35
C ASN B 44 -10.25 18.84 -22.06
N TYR B 45 -9.96 17.63 -21.61
CA TYR B 45 -8.60 17.29 -21.19
C TYR B 45 -7.64 17.37 -22.37
N ASP B 46 -6.44 17.89 -22.11
CA ASP B 46 -5.38 17.82 -23.11
C ASP B 46 -4.88 16.39 -23.31
N VAL B 47 -4.93 15.56 -22.25
CA VAL B 47 -4.57 14.16 -22.35
C VAL B 47 -5.72 13.34 -21.78
N TYR B 48 -6.12 12.31 -22.52
CA TYR B 48 -7.09 11.34 -22.00
C TYR B 48 -6.77 10.02 -22.70
N GLU B 49 -6.03 9.14 -22.02
CA GLU B 49 -5.45 7.94 -22.59
C GLU B 49 -5.91 6.75 -21.76
N THR B 50 -6.55 5.77 -22.41
CA THR B 50 -6.92 4.55 -21.71
C THR B 50 -5.93 3.44 -22.05
N ILE B 51 -5.68 2.56 -21.07
CA ILE B 51 -4.83 1.39 -21.27
C ILE B 51 -5.60 0.18 -20.74
N LYS B 52 -5.86 -0.78 -21.63
CA LYS B 52 -6.52 -2.03 -21.27
C LYS B 52 -5.48 -3.14 -21.14
N PHE B 53 -5.62 -3.95 -20.11
CA PHE B 53 -4.71 -5.04 -19.86
C PHE B 53 -5.35 -6.37 -20.25
N GLN B 54 -4.49 -7.33 -20.61
CA GLN B 54 -4.95 -8.70 -20.81
C GLN B 54 -5.73 -9.17 -19.57
N LYS B 55 -6.98 -9.59 -19.81
CA LYS B 55 -7.84 -10.12 -18.76
C LYS B 55 -8.44 -11.43 -19.27
N GLY B 56 -8.10 -12.53 -18.60
CA GLY B 56 -8.35 -13.84 -19.18
C GLY B 56 -7.19 -14.30 -20.04
N ALA B 57 -7.06 -15.61 -20.19
CA ALA B 57 -5.95 -16.16 -20.94
C ALA B 57 -6.04 -15.75 -22.41
N ARG B 58 -4.86 -15.56 -23.03
CA ARG B 58 -4.80 -15.11 -24.42
C ARG B 58 -5.39 -16.14 -25.39
N LYS B 59 -5.27 -17.43 -25.07
CA LYS B 59 -5.81 -18.45 -25.97
C LYS B 59 -7.33 -18.43 -26.06
N GLU B 60 -8.02 -17.93 -25.05
CA GLU B 60 -9.48 -17.92 -25.03
C GLU B 60 -9.98 -16.63 -25.70
N GLU B 61 -10.79 -16.78 -26.74
CA GLU B 61 -11.17 -15.62 -27.56
C GLU B 61 -12.16 -14.70 -26.85
N LYS B 62 -12.90 -15.18 -25.86
CA LYS B 62 -13.77 -14.32 -25.06
C LYS B 62 -13.03 -13.46 -24.05
N SER B 63 -11.71 -13.57 -23.98
CA SER B 63 -10.94 -12.76 -23.03
C SER B 63 -10.84 -11.31 -23.53
N GLN B 64 -10.58 -10.40 -22.59
CA GLN B 64 -10.20 -9.04 -22.97
C GLN B 64 -8.70 -9.06 -23.26
N HIS B 65 -8.34 -9.08 -24.53
CA HIS B 65 -6.94 -9.05 -24.91
C HIS B 65 -6.40 -7.63 -24.80
N GLY B 66 -5.17 -7.51 -24.33
CA GLY B 66 -4.61 -6.19 -24.05
C GLY B 66 -3.14 -6.28 -23.69
N VAL B 67 -2.63 -5.18 -23.13
CA VAL B 67 -1.22 -5.09 -22.78
C VAL B 67 -0.95 -5.88 -21.50
N ILE B 68 0.32 -6.00 -21.14
CA ILE B 68 0.74 -6.62 -19.89
C ILE B 68 1.83 -5.71 -19.32
N ASP B 69 2.11 -5.86 -18.03
CA ASP B 69 2.90 -4.85 -17.32
C ASP B 69 4.34 -4.76 -17.82
N SER B 70 4.92 -5.90 -18.21
CA SER B 70 6.28 -5.88 -18.72
C SER B 70 6.39 -5.06 -20.01
N ASP B 71 5.31 -4.97 -20.81
CA ASP B 71 5.32 -4.08 -21.98
C ASP B 71 5.57 -2.64 -21.56
N LEU B 72 4.81 -2.18 -20.57
CA LEU B 72 4.94 -0.79 -20.12
C LEU B 72 6.34 -0.56 -19.55
N LEU B 73 6.82 -1.49 -18.73
CA LEU B 73 8.15 -1.25 -18.18
C LEU B 73 9.22 -1.31 -19.26
N GLU B 74 9.01 -2.11 -20.31
CA GLU B 74 10.01 -2.13 -21.38
C GLU B 74 10.01 -0.82 -22.13
N ILE B 75 8.84 -0.21 -22.32
CA ILE B 75 8.81 1.13 -22.90
C ILE B 75 9.63 2.09 -22.05
N VAL B 76 9.36 2.11 -20.74
CA VAL B 76 10.06 3.04 -19.83
C VAL B 76 11.56 2.78 -19.83
N ARG B 77 11.95 1.51 -19.85
CA ARG B 77 13.37 1.14 -19.91
C ARG B 77 14.01 1.68 -21.18
N ASP B 78 13.32 1.57 -22.30
CA ASP B 78 13.88 2.10 -23.53
C ASP B 78 14.04 3.62 -23.46
N ARG B 79 13.04 4.30 -22.91
CA ARG B 79 13.12 5.77 -22.83
C ARG B 79 14.23 6.21 -21.90
N LEU B 80 14.38 5.53 -20.75
CA LEU B 80 15.45 5.88 -19.82
C LEU B 80 16.82 5.60 -20.43
N LYS B 81 16.96 4.48 -21.14
CA LYS B 81 18.23 4.24 -21.82
C LYS B 81 18.53 5.36 -22.80
N SER B 82 17.53 5.79 -23.55
CA SER B 82 17.74 6.88 -24.51
C SER B 82 18.13 8.18 -23.81
N PHE B 83 17.40 8.57 -22.75
CA PHE B 83 17.74 9.78 -22.00
C PHE B 83 19.17 9.72 -21.46
N GLN B 84 19.60 8.55 -21.00
CA GLN B 84 20.95 8.44 -20.47
C GLN B 84 21.99 8.53 -21.55
N ALA B 85 21.67 8.09 -22.77
CA ALA B 85 22.63 8.27 -23.84
C ALA B 85 22.68 9.70 -24.35
N GLY B 86 21.75 10.55 -23.92
CA GLY B 86 21.63 11.89 -24.45
C GLY B 86 22.14 12.97 -23.53
N PRO B 87 21.72 14.20 -23.82
CA PRO B 87 22.29 15.37 -23.12
C PRO B 87 21.77 15.57 -21.71
N PHE B 88 20.61 15.03 -21.36
CA PHE B 88 19.97 15.35 -20.09
C PHE B 88 19.99 14.15 -19.16
N SER B 89 21.15 13.50 -19.07
CA SER B 89 21.28 12.32 -18.22
C SER B 89 21.45 12.72 -16.75
N SER B 90 21.27 11.74 -15.86
CA SER B 90 21.34 12.04 -14.44
C SER B 90 21.52 10.74 -13.68
N ARG B 91 22.06 10.87 -12.46
CA ARG B 91 22.18 9.71 -11.57
C ARG B 91 20.80 9.21 -11.15
N GLU B 92 19.84 10.12 -10.99
CA GLU B 92 18.47 9.73 -10.65
C GLU B 92 17.88 8.83 -11.74
N ASN B 93 18.03 9.24 -13.01
CA ASN B 93 17.66 8.38 -14.12
C ASN B 93 18.33 7.00 -14.01
N ALA B 94 19.62 6.97 -13.64
CA ALA B 94 20.33 5.69 -13.62
C ALA B 94 19.74 4.77 -12.58
N CYS B 95 19.50 5.30 -11.38
CA CYS B 95 18.89 4.49 -10.32
C CYS B 95 17.51 4.01 -10.74
N ALA B 96 16.72 4.90 -11.36
CA ALA B 96 15.40 4.49 -11.85
C ALA B 96 15.52 3.36 -12.88
N LEU B 97 16.43 3.50 -13.83
CA LEU B 97 16.57 2.50 -14.88
C LEU B 97 17.01 1.15 -14.33
N THR B 98 17.98 1.13 -13.42
CA THR B 98 18.41 -0.15 -12.88
C THR B 98 17.26 -0.82 -12.13
N HIS B 99 16.47 -0.03 -11.38
CA HIS B 99 15.32 -0.61 -10.68
C HIS B 99 14.25 -1.09 -11.65
N VAL B 100 13.99 -0.34 -12.73
CA VAL B 100 13.04 -0.80 -13.75
C VAL B 100 13.51 -2.12 -14.36
N GLU B 101 14.80 -2.21 -14.68
CA GLU B 101 15.32 -3.44 -15.25
C GLU B 101 15.24 -4.60 -14.26
N GLU B 102 15.52 -4.35 -12.97
CA GLU B 102 15.40 -5.43 -12.00
C GLU B 102 13.93 -5.85 -11.79
N ALA B 103 13.01 -4.90 -11.83
CA ALA B 103 11.59 -5.24 -11.81
C ALA B 103 11.23 -6.12 -13.00
N LEU B 104 11.75 -5.79 -14.18
CA LEU B 104 11.49 -6.62 -15.37
C LEU B 104 12.08 -8.02 -15.21
N MET B 105 13.29 -8.11 -14.63
CA MET B 105 13.91 -9.41 -14.39
C MET B 105 13.08 -10.25 -13.44
N TRP B 106 12.45 -9.62 -12.45
CA TRP B 106 11.58 -10.37 -11.56
C TRP B 106 10.24 -10.75 -12.20
N MET B 107 9.72 -9.93 -13.10
CA MET B 107 8.51 -10.32 -13.84
C MET B 107 8.81 -11.54 -14.74
N ASN B 108 9.99 -11.53 -15.31
CA ASN B 108 10.39 -12.64 -16.14
C ASN B 108 10.55 -13.88 -15.28
N ARG B 109 11.08 -13.67 -14.08
CA ARG B 109 11.29 -14.81 -13.14
C ARG B 109 9.93 -15.44 -12.79
N ARG B 110 8.95 -14.61 -12.66
CA ARG B 110 7.59 -15.11 -12.44
C ARG B 110 7.12 -15.95 -13.62
N VAL B 111 7.26 -15.38 -14.81
CA VAL B 111 6.83 -16.14 -15.98
C VAL B 111 7.54 -17.48 -16.04
N GLU B 112 8.86 -17.47 -15.85
CA GLU B 112 9.63 -18.70 -15.98
C GLU B 112 9.28 -19.69 -14.87
N ASP B 113 9.03 -19.19 -13.65
CA ASP B 113 8.60 -20.06 -12.56
C ASP B 113 7.26 -20.70 -12.88
N ARG B 114 6.34 -19.91 -13.44
CA ARG B 114 5.03 -20.43 -13.76
C ARG B 114 5.11 -21.45 -14.90
N ILE B 115 6.01 -21.24 -15.86
CA ILE B 115 6.23 -22.28 -16.87
C ILE B 115 6.74 -23.55 -16.20
N GLU B 116 7.74 -23.39 -15.32
CA GLU B 116 8.30 -24.52 -14.56
C GLU B 116 7.21 -25.32 -13.85
N ARG B 117 6.22 -24.66 -13.26
CA ARG B 117 5.18 -25.38 -12.52
C ARG B 117 3.96 -25.69 -13.37
N ASN B 118 3.99 -25.38 -14.66
CA ASN B 118 2.88 -25.65 -15.57
C ASN B 118 1.60 -24.92 -15.12
N VAL B 119 1.75 -23.68 -14.67
CA VAL B 119 0.63 -22.86 -14.24
C VAL B 119 0.49 -21.59 -15.06
N LEU B 120 1.44 -21.28 -15.95
CA LEU B 120 1.34 -20.03 -16.70
C LEU B 120 0.07 -20.04 -17.53
N GLY B 121 -0.68 -18.93 -17.46
CA GLY B 121 -1.96 -18.83 -18.13
C GLY B 121 -3.10 -19.53 -17.43
N THR B 122 -2.93 -19.87 -16.15
CA THR B 122 -3.98 -20.46 -15.33
C THR B 122 -4.19 -19.58 -14.10
N ASN B 123 -5.42 -19.61 -13.56
CA ASN B 123 -5.76 -18.83 -12.37
C ASN B 123 -5.42 -19.63 -11.12
N THR B 124 -4.13 -19.64 -10.79
CA THR B 124 -3.63 -20.32 -9.59
C THR B 124 -2.31 -19.66 -9.22
N LYS B 125 -1.94 -19.74 -7.93
CA LYS B 125 -0.65 -19.21 -7.47
C LYS B 125 0.58 -19.87 -8.09
N MET C 2 24.39 29.89 1.87
CA MET C 2 23.50 28.84 2.38
C MET C 2 24.14 27.70 3.11
N LYS C 3 23.48 27.32 4.21
CA LYS C 3 23.88 26.15 5.00
C LYS C 3 22.69 25.30 5.46
N GLU C 4 21.48 25.53 4.97
CA GLU C 4 20.33 24.70 5.31
C GLU C 4 20.24 23.51 4.34
N LEU C 5 20.14 22.30 4.89
CA LEU C 5 20.15 21.10 4.06
C LEU C 5 18.87 20.97 3.26
N SER C 6 19.00 20.73 1.96
CA SER C 6 17.89 20.33 1.10
C SER C 6 17.60 18.85 1.32
N THR C 7 16.45 18.52 1.90
CA THR C 7 16.17 17.16 2.32
C THR C 7 15.25 16.44 1.35
N ILE C 8 15.21 15.12 1.51
CA ILE C 8 14.32 14.31 0.68
C ILE C 8 12.87 14.52 1.07
N GLN C 9 12.59 14.66 2.36
CA GLN C 9 11.24 14.99 2.80
C GLN C 9 10.93 16.47 2.57
N LYS C 10 9.76 16.77 2.04
CA LYS C 10 9.38 18.15 1.74
C LYS C 10 8.17 18.66 2.51
N ARG C 11 7.24 17.81 2.95
CA ARG C 11 6.11 18.31 3.72
C ARG C 11 6.11 17.75 5.13
N GLU C 12 5.48 18.49 6.03
CA GLU C 12 5.32 18.11 7.43
C GLU C 12 6.66 17.77 8.07
N LYS C 13 7.69 18.56 7.75
CA LYS C 13 8.99 18.37 8.38
C LYS C 13 8.92 18.84 9.81
N LEU C 14 9.41 18.01 10.74
CA LEU C 14 9.49 18.42 12.13
C LEU C 14 10.59 19.45 12.34
N ASN C 15 11.73 19.24 11.71
CA ASN C 15 12.94 20.00 12.00
C ASN C 15 13.63 20.40 10.70
N THR C 16 14.55 21.35 10.83
CA THR C 16 15.49 21.68 9.79
C THR C 16 16.90 21.34 10.26
N VAL C 17 17.76 21.00 9.31
CA VAL C 17 19.14 20.65 9.61
C VAL C 17 20.04 21.65 8.91
N GLU C 18 21.08 22.09 9.61
CA GLU C 18 21.92 23.14 9.06
C GLU C 18 23.38 22.88 9.39
N ARG C 19 24.24 23.11 8.41
CA ARG C 19 25.68 23.00 8.59
C ARG C 19 26.16 24.12 9.52
N ILE C 20 27.21 23.81 10.29
CA ILE C 20 27.86 24.79 11.15
C ILE C 20 29.34 24.81 10.82
N GLY C 21 29.92 26.00 10.78
CA GLY C 21 31.36 26.09 10.61
C GLY C 21 31.77 25.99 9.15
N SER C 22 32.98 25.48 8.94
CA SER C 22 33.60 25.47 7.64
C SER C 22 33.81 24.04 7.18
N GLU C 23 34.05 23.88 5.89
CA GLU C 23 34.51 22.60 5.37
C GLU C 23 35.81 22.22 6.05
N GLY C 24 35.95 20.94 6.39
CA GLY C 24 37.15 20.43 6.99
C GLY C 24 37.78 19.33 6.16
N PRO C 25 38.45 18.40 6.85
CA PRO C 25 39.12 17.29 6.14
C PRO C 25 38.15 16.54 5.24
N GLY C 26 38.61 16.25 4.04
CA GLY C 26 37.83 15.51 3.07
C GLY C 26 36.82 16.35 2.33
N GLY C 27 36.69 17.64 2.66
CA GLY C 27 35.72 18.50 2.02
C GLY C 27 34.35 18.50 2.64
N ALA C 28 34.19 17.92 3.84
CA ALA C 28 32.92 17.81 4.52
C ALA C 28 32.87 18.69 5.76
N TYR C 29 31.67 18.84 6.29
CA TYR C 29 31.48 19.60 7.52
C TYR C 29 31.45 18.63 8.70
N HIS C 30 31.84 19.13 9.87
CA HIS C 30 31.97 18.30 11.06
C HIS C 30 31.13 18.78 12.23
N GLU C 31 30.20 19.71 12.00
CA GLU C 31 29.25 20.10 13.01
C GLU C 31 27.94 20.44 12.34
N TYR C 32 26.84 19.93 12.88
CA TYR C 32 25.50 20.18 12.37
C TYR C 32 24.59 20.58 13.52
N VAL C 33 23.54 21.33 13.19
CA VAL C 33 22.46 21.61 14.14
C VAL C 33 21.13 21.15 13.57
N ILE C 34 20.34 20.54 14.43
CA ILE C 34 18.96 20.17 14.14
C ILE C 34 18.08 21.09 14.98
N LYS C 35 17.26 21.90 14.32
CA LYS C 35 16.44 22.85 15.05
C LYS C 35 14.97 22.71 14.65
N SER C 36 14.09 22.85 15.63
CA SER C 36 12.67 22.59 15.38
C SER C 36 12.08 23.60 14.41
N ASN C 37 11.16 23.13 13.58
CA ASN C 37 10.30 23.98 12.77
C ASN C 37 9.12 24.54 13.57
N SER C 38 9.24 24.49 14.88
CA SER C 38 8.24 25.00 15.80
C SER C 38 8.96 25.76 16.89
N MET C 39 8.21 26.61 17.59
CA MET C 39 8.77 27.36 18.71
C MET C 39 7.81 27.24 19.89
N ASP C 40 8.36 27.37 21.10
CA ASP C 40 7.57 27.12 22.30
C ASP C 40 6.71 28.33 22.62
N SER C 41 6.07 28.31 23.79
CA SER C 41 5.25 29.43 24.24
C SER C 41 6.09 30.70 24.42
N GLN C 42 7.33 30.54 24.90
CA GLN C 42 8.19 31.68 25.18
C GLN C 42 8.94 32.16 23.95
N GLY C 43 8.58 31.70 22.76
CA GLY C 43 9.24 32.13 21.55
C GLY C 43 10.60 31.50 21.29
N ASN C 44 10.86 30.34 21.87
CA ASN C 44 12.14 29.66 21.70
C ASN C 44 11.96 28.34 20.97
N TYR C 45 13.04 27.90 20.33
CA TYR C 45 13.08 26.60 19.66
C TYR C 45 12.66 25.48 20.60
N ASP C 46 11.69 24.68 20.16
CA ASP C 46 11.42 23.42 20.85
C ASP C 46 12.60 22.46 20.77
N VAL C 47 13.37 22.52 19.68
CA VAL C 47 14.50 21.63 19.47
C VAL C 47 15.68 22.44 18.98
N TYR C 48 16.84 22.23 19.60
CA TYR C 48 18.10 22.80 19.14
C TYR C 48 19.22 21.86 19.60
N GLU C 49 19.58 20.93 18.71
CA GLU C 49 20.54 19.87 19.00
C GLU C 49 21.79 20.08 18.15
N THR C 50 22.96 19.88 18.74
CA THR C 50 24.21 20.01 18.00
C THR C 50 24.90 18.66 17.95
N ILE C 51 25.38 18.29 16.76
CA ILE C 51 26.11 17.04 16.56
C ILE C 51 27.48 17.41 16.03
N LYS C 52 28.53 17.02 16.76
CA LYS C 52 29.92 17.26 16.39
C LYS C 52 30.58 15.94 16.01
N PHE C 53 31.15 15.88 14.81
CA PHE C 53 31.80 14.67 14.35
C PHE C 53 33.27 14.67 14.67
N GLN C 54 33.84 13.46 14.69
CA GLN C 54 35.29 13.32 14.82
C GLN C 54 35.97 14.04 13.68
N LYS C 55 36.96 14.86 14.04
CA LYS C 55 37.65 15.77 13.12
C LYS C 55 39.16 15.61 13.38
N GLY C 56 39.83 14.82 12.55
CA GLY C 56 41.22 14.46 12.77
C GLY C 56 41.35 13.17 13.57
N ALA C 57 42.61 12.74 13.73
CA ALA C 57 42.90 11.42 14.29
C ALA C 57 42.52 11.32 15.76
N ARG C 58 41.76 10.27 16.10
CA ARG C 58 41.44 9.99 17.50
C ARG C 58 42.71 9.87 18.36
N LYS C 59 43.86 9.60 17.75
CA LYS C 59 45.10 9.46 18.51
C LYS C 59 45.67 10.80 18.95
N GLU C 60 45.70 11.80 18.07
CA GLU C 60 46.37 13.05 18.39
C GLU C 60 45.41 13.97 19.15
N GLU C 61 45.98 14.76 20.07
CA GLU C 61 45.13 15.43 21.06
C GLU C 61 44.44 16.68 20.51
N LYS C 62 44.99 17.33 19.49
CA LYS C 62 44.34 18.52 18.98
C LYS C 62 43.13 18.24 18.08
N SER C 63 42.82 16.98 17.82
CA SER C 63 41.65 16.66 17.02
C SER C 63 40.37 17.10 17.74
N GLN C 64 39.37 17.51 16.96
CA GLN C 64 38.02 17.68 17.51
C GLN C 64 37.43 16.27 17.64
N HIS C 65 37.40 15.76 18.86
CA HIS C 65 36.89 14.44 19.14
C HIS C 65 35.35 14.43 19.10
N GLY C 66 34.76 13.45 18.43
CA GLY C 66 33.32 13.45 18.26
C GLY C 66 32.77 12.12 17.76
N VAL C 67 31.53 12.17 17.26
CA VAL C 67 30.82 10.97 16.82
C VAL C 67 31.24 10.62 15.40
N ILE C 68 30.82 9.45 14.92
CA ILE C 68 31.07 9.02 13.54
C ILE C 68 29.73 8.60 12.96
N ASP C 69 29.63 8.62 11.62
CA ASP C 69 28.32 8.46 10.97
C ASP C 69 27.70 7.11 11.30
N SER C 70 28.53 6.08 11.44
CA SER C 70 28.00 4.75 11.74
C SER C 70 27.31 4.72 13.10
N ASP C 71 27.73 5.57 14.05
CA ASP C 71 27.03 5.68 15.33
C ASP C 71 25.59 6.16 15.14
N LEU C 72 25.40 7.15 14.27
CA LEU C 72 24.05 7.63 14.01
C LEU C 72 23.21 6.59 13.32
N LEU C 73 23.77 5.91 12.32
CA LEU C 73 22.96 4.89 11.66
C LEU C 73 22.64 3.74 12.60
N GLU C 74 23.55 3.40 13.54
CA GLU C 74 23.24 2.33 14.47
C GLU C 74 22.11 2.73 15.42
N ILE C 75 22.06 4.01 15.82
CA ILE C 75 20.92 4.46 16.60
C ILE C 75 19.63 4.28 15.80
N VAL C 76 19.64 4.72 14.54
CA VAL C 76 18.43 4.65 13.74
C VAL C 76 18.03 3.20 13.49
N ARG C 77 19.02 2.34 13.25
CA ARG C 77 18.78 0.90 13.08
C ARG C 77 18.12 0.32 14.31
N ASP C 78 18.59 0.70 15.51
CA ASP C 78 18.01 0.17 16.74
C ASP C 78 16.57 0.62 16.90
N ARG C 79 16.30 1.90 16.61
CA ARG C 79 14.94 2.40 16.77
C ARG C 79 14.00 1.75 15.75
N LEU C 80 14.45 1.59 14.50
CA LEU C 80 13.60 0.93 13.51
C LEU C 80 13.33 -0.53 13.90
N LYS C 81 14.34 -1.23 14.43
CA LYS C 81 14.10 -2.60 14.89
C LYS C 81 13.07 -2.61 16.01
N SER C 82 13.18 -1.66 16.94
CA SER C 82 12.21 -1.59 18.02
C SER C 82 10.80 -1.34 17.48
N PHE C 83 10.66 -0.36 16.58
CA PHE C 83 9.36 -0.05 16.00
C PHE C 83 8.79 -1.26 15.27
N GLN C 84 9.63 -2.01 14.59
CA GLN C 84 9.09 -3.17 13.85
C GLN C 84 8.64 -4.26 14.80
N ALA C 85 9.26 -4.38 15.97
CA ALA C 85 8.75 -5.30 16.96
C ALA C 85 7.46 -4.81 17.61
N GLY C 86 7.23 -3.50 17.65
CA GLY C 86 6.09 -2.93 18.35
C GLY C 86 4.81 -2.91 17.53
N PRO C 87 3.83 -2.13 18.00
CA PRO C 87 2.50 -2.13 17.38
C PRO C 87 2.34 -1.24 16.16
N PHE C 88 3.32 -0.38 15.86
CA PHE C 88 3.21 0.56 14.76
C PHE C 88 4.28 0.27 13.73
N SER C 89 4.49 -1.01 13.44
CA SER C 89 5.35 -1.47 12.37
C SER C 89 4.73 -1.19 10.99
N SER C 90 5.59 -1.19 9.97
CA SER C 90 5.14 -1.00 8.59
C SER C 90 6.16 -1.58 7.61
N ARG C 91 5.69 -1.82 6.38
CA ARG C 91 6.58 -2.18 5.28
C ARG C 91 7.60 -1.08 5.01
N GLU C 92 7.15 0.18 5.06
CA GLU C 92 8.06 1.29 4.81
C GLU C 92 9.20 1.30 5.81
N ASN C 93 8.89 1.05 7.09
CA ASN C 93 9.93 0.90 8.11
C ASN C 93 10.90 -0.21 7.73
N ALA C 94 10.38 -1.33 7.23
CA ALA C 94 11.24 -2.49 7.01
C ALA C 94 12.19 -2.24 5.85
N CYS C 95 11.71 -1.58 4.81
CA CYS C 95 12.58 -1.18 3.70
C CYS C 95 13.63 -0.19 4.19
N ALA C 96 13.22 0.79 4.99
CA ALA C 96 14.18 1.76 5.52
C ALA C 96 15.26 1.07 6.34
N LEU C 97 14.86 0.17 7.24
CA LEU C 97 15.82 -0.53 8.10
C LEU C 97 16.79 -1.39 7.28
N THR C 98 16.28 -2.08 6.25
CA THR C 98 17.19 -2.92 5.49
C THR C 98 18.21 -2.06 4.75
N HIS C 99 17.76 -0.91 4.21
CA HIS C 99 18.73 -0.02 3.57
C HIS C 99 19.72 0.56 4.59
N VAL C 100 19.24 0.91 5.79
CA VAL C 100 20.15 1.39 6.83
C VAL C 100 21.21 0.35 7.16
N GLU C 101 20.80 -0.91 7.29
CA GLU C 101 21.77 -1.94 7.64
C GLU C 101 22.74 -2.20 6.49
N GLU C 102 22.26 -2.11 5.24
CA GLU C 102 23.19 -2.28 4.12
C GLU C 102 24.17 -1.11 4.02
N ALA C 103 23.71 0.12 4.32
CA ALA C 103 24.62 1.26 4.42
C ALA C 103 25.68 1.02 5.49
N LEU C 104 25.27 0.50 6.64
CA LEU C 104 26.23 0.26 7.72
C LEU C 104 27.24 -0.80 7.30
N MET C 105 26.76 -1.82 6.62
CA MET C 105 27.66 -2.86 6.17
C MET C 105 28.65 -2.33 5.14
N TRP C 106 28.24 -1.38 4.30
CA TRP C 106 29.20 -0.75 3.40
C TRP C 106 30.17 0.19 4.13
N MET C 107 29.71 0.92 5.15
CA MET C 107 30.66 1.71 5.96
C MET C 107 31.69 0.81 6.63
N ASN C 108 31.27 -0.40 7.02
CA ASN C 108 32.22 -1.35 7.60
C ASN C 108 33.14 -1.94 6.54
N ARG C 109 32.64 -2.13 5.33
CA ARG C 109 33.52 -2.49 4.22
C ARG C 109 34.62 -1.46 4.06
N ARG C 110 34.24 -0.18 4.10
CA ARG C 110 35.22 0.88 3.97
C ARG C 110 36.25 0.79 5.10
N VAL C 111 35.77 0.61 6.33
CA VAL C 111 36.70 0.49 7.44
C VAL C 111 37.63 -0.72 7.24
N GLU C 112 37.10 -1.86 6.81
CA GLU C 112 37.92 -3.05 6.69
C GLU C 112 38.90 -2.95 5.52
N ASP C 113 38.49 -2.31 4.43
CA ASP C 113 39.42 -2.04 3.33
C ASP C 113 40.56 -1.15 3.81
N ARG C 114 40.24 -0.17 4.67
CA ARG C 114 41.28 0.76 5.12
C ARG C 114 42.20 0.14 6.17
N ILE C 115 41.68 -0.71 7.06
CA ILE C 115 42.59 -1.50 7.91
C ILE C 115 43.52 -2.36 7.05
N GLU C 116 42.97 -3.03 6.03
CA GLU C 116 43.81 -3.91 5.24
C GLU C 116 44.92 -3.12 4.54
N ARG C 117 44.58 -1.96 3.98
CA ARG C 117 45.57 -1.09 3.39
C ARG C 117 46.36 -0.30 4.42
N ASN C 118 46.04 -0.47 5.70
CA ASN C 118 46.70 0.23 6.80
C ASN C 118 46.66 1.76 6.64
N VAL C 119 45.54 2.29 6.13
CA VAL C 119 45.36 3.73 6.00
C VAL C 119 44.32 4.31 6.95
N LEU C 120 43.62 3.47 7.72
CA LEU C 120 42.60 3.98 8.63
C LEU C 120 43.19 4.99 9.61
N GLY C 121 42.50 6.11 9.77
CA GLY C 121 42.99 7.18 10.62
C GLY C 121 44.06 8.04 9.98
N THR C 122 44.23 7.99 8.67
CA THR C 122 45.16 8.86 7.96
C THR C 122 44.45 9.48 6.77
N ASN C 123 44.81 10.72 6.44
CA ASN C 123 44.14 11.48 5.40
C ASN C 123 44.61 11.00 4.01
N THR C 124 44.21 9.77 3.68
CA THR C 124 44.66 9.07 2.49
C THR C 124 43.43 8.49 1.79
N LYS C 125 43.33 8.68 0.47
CA LYS C 125 42.22 8.10 -0.29
C LYS C 125 42.29 6.58 -0.25
N MET D 2 22.56 -5.31 29.63
CA MET D 2 23.27 -4.16 29.09
C MET D 2 22.44 -3.40 28.06
N LYS D 3 22.53 -2.07 28.10
CA LYS D 3 21.90 -1.22 27.11
C LYS D 3 22.85 -0.85 25.98
N GLU D 4 23.98 -1.55 25.86
CA GLU D 4 24.94 -1.24 24.81
C GLU D 4 24.50 -1.89 23.51
N LEU D 5 24.56 -1.13 22.43
CA LEU D 5 24.12 -1.61 21.13
C LEU D 5 25.15 -2.55 20.51
N SER D 6 24.67 -3.67 19.98
CA SER D 6 25.49 -4.57 19.18
C SER D 6 25.55 -4.00 17.76
N THR D 7 26.73 -3.53 17.35
CA THR D 7 26.88 -2.83 16.09
C THR D 7 27.40 -3.74 14.98
N ILE D 8 27.28 -3.25 13.75
CA ILE D 8 27.73 -4.00 12.58
C ILE D 8 29.25 -4.08 12.53
N GLN D 9 29.94 -2.98 12.84
CA GLN D 9 31.39 -3.04 12.83
C GLN D 9 31.88 -3.62 14.15
N LYS D 10 32.87 -4.51 14.04
CA LYS D 10 33.42 -5.19 15.19
C LYS D 10 34.82 -4.74 15.55
N ARG D 11 35.58 -4.13 14.64
CA ARG D 11 36.98 -3.81 14.87
C ARG D 11 37.25 -2.33 14.68
N GLU D 12 38.14 -1.77 15.52
CA GLU D 12 38.57 -0.37 15.45
C GLU D 12 37.44 0.61 15.68
N LYS D 13 36.57 0.31 16.63
CA LYS D 13 35.44 1.18 16.90
C LYS D 13 35.89 2.43 17.64
N LEU D 14 35.52 3.60 17.12
CA LEU D 14 35.79 4.85 17.81
C LEU D 14 34.97 4.95 19.09
N ASN D 15 33.68 4.65 19.00
CA ASN D 15 32.73 4.95 20.06
C ASN D 15 31.83 3.76 20.34
N THR D 16 31.16 3.84 21.49
CA THR D 16 30.13 2.92 21.93
C THR D 16 28.82 3.68 21.99
N VAL D 17 27.72 3.01 21.62
CA VAL D 17 26.39 3.62 21.65
C VAL D 17 25.53 2.87 22.66
N GLU D 18 24.76 3.62 23.44
CA GLU D 18 23.91 3.03 24.46
C GLU D 18 22.53 3.63 24.39
N ARG D 19 21.52 2.80 24.57
CA ARG D 19 20.16 3.30 24.72
C ARG D 19 19.96 3.77 26.17
N ILE D 20 19.19 4.83 26.36
CA ILE D 20 18.98 5.45 27.65
C ILE D 20 17.48 5.55 27.89
N GLY D 21 17.06 5.37 29.14
CA GLY D 21 15.66 5.45 29.45
C GLY D 21 14.97 4.11 29.35
N SER D 22 13.64 4.19 29.22
CA SER D 22 12.80 3.00 29.10
C SER D 22 12.18 2.93 27.72
N GLU D 23 11.66 1.75 27.39
CA GLU D 23 10.84 1.61 26.20
C GLU D 23 9.70 2.62 26.26
N GLY D 24 9.47 3.31 25.15
CA GLY D 24 8.46 4.34 25.10
C GLY D 24 7.39 4.03 24.07
N PRO D 25 6.79 5.08 23.52
CA PRO D 25 5.78 4.89 22.47
C PRO D 25 6.31 4.05 21.33
N GLY D 26 5.52 3.05 20.92
CA GLY D 26 5.89 2.16 19.84
C GLY D 26 6.90 1.09 20.20
N GLY D 27 7.33 1.04 21.45
CA GLY D 27 8.31 0.06 21.87
C GLY D 27 9.74 0.49 21.71
N ALA D 28 9.99 1.74 21.31
CA ALA D 28 11.36 2.17 21.07
C ALA D 28 11.89 3.04 22.20
N TYR D 29 13.22 3.15 22.23
CA TYR D 29 13.88 4.11 23.09
C TYR D 29 13.97 5.44 22.36
N HIS D 30 14.00 6.52 23.14
CA HIS D 30 13.96 7.86 22.58
C HIS D 30 15.11 8.72 23.08
N GLU D 31 16.11 8.11 23.68
CA GLU D 31 17.34 8.81 24.03
C GLU D 31 18.49 7.82 23.92
N TYR D 32 19.61 8.30 23.39
CA TYR D 32 20.80 7.48 23.21
C TYR D 32 22.02 8.30 23.59
N VAL D 33 23.07 7.61 24.03
CA VAL D 33 24.36 8.22 24.34
C VAL D 33 25.42 7.61 23.43
N ILE D 34 26.31 8.46 22.92
CA ILE D 34 27.49 8.03 22.17
C ILE D 34 28.69 8.48 22.99
N LYS D 35 29.54 7.52 23.36
CA LYS D 35 30.67 7.82 24.21
C LYS D 35 31.93 7.17 23.67
N SER D 36 33.06 7.86 23.85
CA SER D 36 34.30 7.43 23.24
C SER D 36 34.82 6.16 23.90
N ASN D 37 35.47 5.32 23.11
CA ASN D 37 36.24 4.19 23.60
C ASN D 37 37.57 4.62 24.18
N SER D 38 37.91 5.90 24.03
CA SER D 38 39.19 6.46 24.43
C SER D 38 39.00 7.39 25.62
N MET D 39 40.13 7.77 26.22
CA MET D 39 40.13 8.49 27.49
C MET D 39 41.07 9.68 27.43
N ASP D 40 40.71 10.73 28.17
CA ASP D 40 41.64 11.82 28.39
C ASP D 40 42.65 11.42 29.45
N SER D 41 43.54 12.36 29.80
CA SER D 41 44.32 12.17 31.01
C SER D 41 43.48 12.45 32.24
N GLN D 42 42.43 13.27 32.09
CA GLN D 42 41.60 13.71 33.20
C GLN D 42 40.67 12.62 33.72
N GLY D 43 40.61 11.47 33.04
CA GLY D 43 39.79 10.35 33.48
C GLY D 43 38.42 10.25 32.84
N ASN D 44 37.99 11.27 32.10
CA ASN D 44 36.65 11.29 31.52
C ASN D 44 36.69 10.89 30.05
N TYR D 45 35.51 10.54 29.54
CA TYR D 45 35.35 10.25 28.13
C TYR D 45 35.72 11.48 27.30
N ASP D 46 36.47 11.24 26.22
CA ASP D 46 36.73 12.31 25.26
C ASP D 46 35.46 12.70 24.50
N VAL D 47 34.51 11.76 24.35
CA VAL D 47 33.24 12.01 23.70
C VAL D 47 32.13 11.50 24.61
N TYR D 48 31.11 12.32 24.82
CA TYR D 48 29.92 11.88 25.55
C TYR D 48 28.78 12.78 25.10
N GLU D 49 28.00 12.31 24.14
CA GLU D 49 26.93 13.10 23.53
C GLU D 49 25.61 12.37 23.61
N THR D 50 24.57 13.07 24.04
CA THR D 50 23.21 12.56 24.10
C THR D 50 22.41 13.00 22.89
N ILE D 51 21.56 12.11 22.39
CA ILE D 51 20.65 12.41 21.30
C ILE D 51 19.26 12.03 21.76
N LYS D 52 18.38 13.03 21.90
CA LYS D 52 17.02 12.84 22.35
C LYS D 52 16.07 13.00 21.18
N PHE D 53 15.16 12.05 21.04
CA PHE D 53 14.21 11.98 19.93
C PHE D 53 12.83 12.48 20.37
N GLN D 54 12.11 13.05 19.40
CA GLN D 54 10.69 13.33 19.57
C GLN D 54 9.95 12.11 20.09
N LYS D 55 9.22 12.29 21.20
CA LYS D 55 8.48 11.22 21.86
C LYS D 55 7.12 11.79 22.25
N GLY D 56 6.07 11.35 21.57
CA GLY D 56 4.81 12.05 21.61
C GLY D 56 4.75 13.12 20.52
N ALA D 57 3.53 13.50 20.17
CA ALA D 57 3.32 14.40 19.05
C ALA D 57 3.93 15.78 19.32
N ARG D 58 4.42 16.41 18.25
CA ARG D 58 4.99 17.75 18.35
C ARG D 58 3.95 18.79 18.79
N LYS D 59 2.68 18.61 18.43
CA LYS D 59 1.68 19.61 18.80
C LYS D 59 1.38 19.57 20.29
N GLU D 60 1.50 18.41 20.92
CA GLU D 60 1.20 18.30 22.34
C GLU D 60 2.36 18.84 23.16
N GLU D 61 2.04 19.73 24.09
CA GLU D 61 3.02 20.62 24.67
C GLU D 61 3.89 19.92 25.72
N LYS D 62 3.40 18.82 26.30
CA LYS D 62 4.13 18.05 27.30
C LYS D 62 4.90 16.88 26.69
N SER D 63 5.03 16.82 25.38
CA SER D 63 5.86 15.81 24.75
C SER D 63 7.34 16.18 24.93
N GLN D 64 8.21 15.16 24.83
CA GLN D 64 9.66 15.36 24.74
C GLN D 64 10.00 15.73 23.31
N HIS D 65 10.10 17.03 23.02
CA HIS D 65 10.44 17.41 21.65
C HIS D 65 11.90 17.07 21.36
N GLY D 66 12.17 16.66 20.13
CA GLY D 66 13.52 16.23 19.81
C GLY D 66 13.71 15.97 18.33
N VAL D 67 14.80 15.26 18.02
CA VAL D 67 15.18 14.98 16.64
C VAL D 67 14.35 13.80 16.16
N ILE D 68 14.40 13.54 14.86
CA ILE D 68 13.78 12.38 14.27
C ILE D 68 14.85 11.73 13.39
N ASP D 69 14.62 10.48 13.00
CA ASP D 69 15.69 9.69 12.40
C ASP D 69 16.12 10.24 11.05
N SER D 70 15.19 10.79 10.29
CA SER D 70 15.54 11.33 8.98
C SER D 70 16.47 12.53 9.09
N ASP D 71 16.41 13.28 10.21
CA ASP D 71 17.42 14.31 10.43
C ASP D 71 18.82 13.70 10.46
N LEU D 72 18.98 12.61 11.21
CA LEU D 72 20.29 12.00 11.33
C LEU D 72 20.77 11.46 9.99
N LEU D 73 19.87 10.79 9.24
CA LEU D 73 20.33 10.28 7.95
C LEU D 73 20.58 11.40 6.95
N GLU D 74 19.92 12.55 7.10
CA GLU D 74 20.22 13.65 6.18
C GLU D 74 21.58 14.24 6.47
N ILE D 75 21.97 14.28 7.75
CA ILE D 75 23.34 14.69 8.10
C ILE D 75 24.35 13.74 7.47
N VAL D 76 24.11 12.44 7.63
CA VAL D 76 25.04 11.44 7.07
C VAL D 76 25.08 11.54 5.56
N ARG D 77 23.92 11.72 4.93
CA ARG D 77 23.84 11.91 3.48
C ARG D 77 24.68 13.11 3.04
N ASP D 78 24.55 14.24 3.76
CA ASP D 78 25.31 15.43 3.40
C ASP D 78 26.80 15.20 3.51
N ARG D 79 27.24 14.56 4.61
CA ARG D 79 28.67 14.30 4.76
C ARG D 79 29.17 13.34 3.69
N LEU D 80 28.40 12.29 3.38
CA LEU D 80 28.82 11.36 2.35
C LEU D 80 28.92 12.03 0.98
N LYS D 81 27.96 12.89 0.64
CA LYS D 81 28.07 13.64 -0.60
C LYS D 81 29.33 14.49 -0.61
N SER D 82 29.63 15.17 0.51
CA SER D 82 30.83 16.00 0.56
C SER D 82 32.11 15.17 0.42
N PHE D 83 32.16 14.01 1.07
CA PHE D 83 33.33 13.14 0.94
C PHE D 83 33.48 12.64 -0.49
N GLN D 84 32.37 12.35 -1.16
CA GLN D 84 32.45 11.89 -2.54
C GLN D 84 32.87 13.01 -3.48
N ALA D 85 32.57 14.26 -3.12
CA ALA D 85 33.02 15.36 -3.96
C ALA D 85 34.46 15.77 -3.66
N GLY D 86 35.04 15.28 -2.57
CA GLY D 86 36.38 15.66 -2.18
C GLY D 86 37.42 14.64 -2.59
N PRO D 87 38.60 14.70 -1.95
CA PRO D 87 39.73 13.87 -2.40
C PRO D 87 39.75 12.45 -1.88
N PHE D 88 38.90 12.10 -0.92
CA PHE D 88 38.94 10.77 -0.33
C PHE D 88 37.64 10.01 -0.61
N SER D 89 37.32 9.85 -1.88
CA SER D 89 36.12 9.15 -2.32
C SER D 89 36.39 7.65 -2.44
N SER D 90 35.31 6.88 -2.54
CA SER D 90 35.42 5.44 -2.63
C SER D 90 34.10 4.88 -3.11
N ARG D 91 34.18 3.68 -3.69
CA ARG D 91 32.96 2.98 -4.08
C ARG D 91 32.15 2.58 -2.84
N GLU D 92 32.85 2.26 -1.73
CA GLU D 92 32.13 1.94 -0.50
C GLU D 92 31.29 3.11 -0.01
N ASN D 93 31.84 4.33 -0.07
CA ASN D 93 31.06 5.53 0.23
C ASN D 93 29.85 5.66 -0.68
N ALA D 94 30.03 5.41 -1.99
CA ALA D 94 28.94 5.58 -2.93
C ALA D 94 27.81 4.60 -2.63
N CYS D 95 28.18 3.36 -2.29
CA CYS D 95 27.15 2.36 -1.99
C CYS D 95 26.42 2.70 -0.71
N ALA D 96 27.17 3.13 0.32
CA ALA D 96 26.53 3.60 1.54
C ALA D 96 25.59 4.76 1.25
N LEU D 97 26.03 5.72 0.42
CA LEU D 97 25.23 6.90 0.16
C LEU D 97 23.93 6.55 -0.55
N THR D 98 24.01 5.66 -1.55
CA THR D 98 22.78 5.31 -2.25
C THR D 98 21.82 4.58 -1.31
N HIS D 99 22.34 3.72 -0.43
CA HIS D 99 21.45 3.08 0.56
C HIS D 99 20.87 4.09 1.56
N VAL D 100 21.68 5.04 2.03
CA VAL D 100 21.17 6.06 2.95
C VAL D 100 20.07 6.86 2.28
N GLU D 101 20.26 7.24 1.01
CA GLU D 101 19.23 8.01 0.32
C GLU D 101 17.99 7.16 0.10
N GLU D 102 18.15 5.86 -0.17
CA GLU D 102 16.94 5.06 -0.36
C GLU D 102 16.22 4.82 0.95
N ALA D 103 16.94 4.75 2.07
CA ALA D 103 16.29 4.70 3.38
C ALA D 103 15.52 6.00 3.64
N LEU D 104 16.12 7.14 3.30
CA LEU D 104 15.42 8.40 3.48
C LEU D 104 14.19 8.46 2.58
N MET D 105 14.28 7.86 1.39
CA MET D 105 13.13 7.82 0.50
C MET D 105 12.02 6.96 1.08
N TRP D 106 12.35 5.85 1.71
CA TRP D 106 11.32 5.04 2.38
C TRP D 106 10.76 5.72 3.63
N MET D 107 11.57 6.45 4.36
CA MET D 107 11.05 7.21 5.53
C MET D 107 10.03 8.25 5.06
N ASN D 108 10.34 8.91 3.98
CA ASN D 108 9.38 9.85 3.40
C ASN D 108 8.12 9.15 2.88
N ARG D 109 8.28 7.96 2.32
CA ARG D 109 7.12 7.20 1.90
C ARG D 109 6.20 6.92 3.11
N ARG D 110 6.81 6.58 4.21
CA ARG D 110 6.03 6.39 5.44
C ARG D 110 5.26 7.67 5.83
N VAL D 111 5.99 8.80 5.82
CA VAL D 111 5.31 10.05 6.19
C VAL D 111 4.14 10.32 5.25
N GLU D 112 4.37 10.15 3.95
CA GLU D 112 3.37 10.48 2.94
C GLU D 112 2.20 9.51 3.00
N ASP D 113 2.47 8.21 3.23
CA ASP D 113 1.40 7.23 3.43
C ASP D 113 0.57 7.59 4.65
N ARG D 114 1.22 7.99 5.74
CA ARG D 114 0.47 8.33 6.94
C ARG D 114 -0.35 9.60 6.74
N ILE D 115 0.15 10.55 5.96
CA ILE D 115 -0.70 11.70 5.62
C ILE D 115 -1.89 11.23 4.82
N GLU D 116 -1.67 10.36 3.84
CA GLU D 116 -2.75 9.79 3.03
C GLU D 116 -3.86 9.23 3.91
N ARG D 117 -3.50 8.41 4.89
CA ARG D 117 -4.46 7.71 5.75
C ARG D 117 -4.88 8.52 6.95
N ASN D 118 -4.41 9.78 7.03
CA ASN D 118 -4.78 10.68 8.12
C ASN D 118 -4.40 10.10 9.49
N VAL D 119 -3.21 9.49 9.57
CA VAL D 119 -2.71 8.95 10.83
C VAL D 119 -1.37 9.54 11.24
N LEU D 120 -0.79 10.46 10.47
CA LEU D 120 0.46 11.08 10.89
C LEU D 120 0.25 11.84 12.19
N GLY D 121 1.15 11.61 13.14
CA GLY D 121 1.06 12.26 14.43
C GLY D 121 0.16 11.56 15.42
N THR D 122 -0.26 10.33 15.13
CA THR D 122 -1.13 9.55 16.00
C THR D 122 -0.53 8.17 16.22
N ASN D 123 -0.80 7.60 17.41
CA ASN D 123 -0.30 6.29 17.80
C ASN D 123 -1.13 5.20 17.15
N THR D 124 -0.83 4.93 15.88
CA THR D 124 -1.59 3.96 15.12
C THR D 124 -0.70 3.45 14.00
N LYS D 125 -0.95 2.22 13.52
CA LYS D 125 -0.27 1.70 12.33
C LYS D 125 -0.56 2.46 11.05
N MET E 2 52.13 -15.24 -1.90
CA MET E 2 50.94 -15.96 -1.44
C MET E 2 49.72 -15.52 -2.24
N LYS E 3 48.79 -16.44 -2.50
CA LYS E 3 47.61 -16.05 -3.26
C LYS E 3 46.33 -16.23 -2.48
N GLU E 4 46.28 -15.66 -1.27
CA GLU E 4 45.15 -15.82 -0.36
C GLU E 4 44.13 -14.72 -0.57
N LEU E 5 42.87 -15.10 -0.77
CA LEU E 5 41.84 -14.10 -1.02
C LEU E 5 41.49 -13.37 0.27
N SER E 6 41.33 -12.05 0.16
CA SER E 6 40.84 -11.23 1.26
C SER E 6 39.31 -11.24 1.20
N THR E 7 38.68 -11.78 2.22
CA THR E 7 37.24 -12.04 2.20
C THR E 7 36.50 -11.04 3.09
N ILE E 8 35.19 -10.94 2.84
CA ILE E 8 34.38 -10.03 3.63
C ILE E 8 34.25 -10.51 5.06
N GLN E 9 34.12 -11.82 5.26
CA GLN E 9 34.15 -12.38 6.62
C GLN E 9 35.56 -12.33 7.19
N LYS E 10 35.69 -11.86 8.43
CA LYS E 10 36.98 -11.77 9.10
C LYS E 10 37.11 -12.68 10.31
N ARG E 11 36.00 -13.09 10.95
CA ARG E 11 36.09 -13.85 12.19
C ARG E 11 35.38 -15.19 12.02
N GLU E 12 35.95 -16.22 12.66
CA GLU E 12 35.38 -17.57 12.68
C GLU E 12 35.28 -18.19 11.28
N LYS E 13 36.33 -18.03 10.48
CA LYS E 13 36.32 -18.60 9.13
C LYS E 13 36.58 -20.10 9.19
N LEU E 14 35.77 -20.86 8.45
CA LEU E 14 36.03 -22.30 8.33
C LEU E 14 37.20 -22.58 7.41
N ASN E 15 37.30 -21.84 6.30
CA ASN E 15 38.28 -22.15 5.29
C ASN E 15 38.88 -20.87 4.73
N THR E 16 40.06 -21.00 4.13
CA THR E 16 40.67 -19.97 3.33
C THR E 16 40.58 -20.37 1.86
N VAL E 17 40.62 -19.37 0.99
CA VAL E 17 40.53 -19.60 -0.45
C VAL E 17 41.77 -18.98 -1.10
N GLU E 18 42.29 -19.65 -2.14
CA GLU E 18 43.51 -19.21 -2.81
C GLU E 18 43.37 -19.30 -4.31
N ARG E 19 43.86 -18.25 -5.00
CA ARG E 19 44.09 -18.31 -6.43
C ARG E 19 45.18 -19.34 -6.74
N ILE E 20 44.98 -20.10 -7.80
CA ILE E 20 45.90 -21.14 -8.23
C ILE E 20 46.24 -20.94 -9.71
N GLY E 21 47.53 -20.92 -10.01
CA GLY E 21 47.99 -20.70 -11.36
C GLY E 21 48.22 -19.24 -11.65
N SER E 22 48.06 -18.83 -12.91
CA SER E 22 48.32 -17.47 -13.33
C SER E 22 47.04 -16.85 -13.88
N GLU E 23 47.12 -15.55 -14.16
CA GLU E 23 46.03 -14.87 -14.84
C GLU E 23 45.81 -15.48 -16.22
N GLY E 24 44.55 -15.54 -16.64
CA GLY E 24 44.19 -16.11 -17.90
C GLY E 24 43.34 -15.18 -18.73
N PRO E 25 42.49 -15.74 -19.59
CA PRO E 25 41.59 -14.91 -20.41
C PRO E 25 40.81 -13.93 -19.56
N GLY E 26 40.66 -12.71 -20.08
CA GLY E 26 39.95 -11.64 -19.39
C GLY E 26 40.67 -11.04 -18.22
N GLY E 27 41.85 -11.55 -17.86
CA GLY E 27 42.57 -11.06 -16.71
C GLY E 27 42.21 -11.73 -15.40
N ALA E 28 41.58 -12.90 -15.45
CA ALA E 28 41.08 -13.60 -14.29
C ALA E 28 41.82 -14.92 -14.10
N TYR E 29 41.58 -15.53 -12.96
CA TYR E 29 42.10 -16.87 -12.69
C TYR E 29 41.02 -17.89 -12.97
N HIS E 30 41.45 -19.11 -13.28
CA HIS E 30 40.50 -20.17 -13.62
C HIS E 30 40.71 -21.40 -12.75
N GLU E 31 41.44 -21.27 -11.66
CA GLU E 31 41.56 -22.38 -10.72
C GLU E 31 41.63 -21.78 -9.32
N TYR E 32 40.91 -22.41 -8.40
CA TYR E 32 40.90 -21.98 -7.01
C TYR E 32 40.99 -23.19 -6.10
N VAL E 33 41.55 -22.98 -4.91
CA VAL E 33 41.54 -24.01 -3.88
C VAL E 33 40.91 -23.46 -2.61
N ILE E 34 40.01 -24.24 -2.01
CA ILE E 34 39.40 -23.95 -0.71
C ILE E 34 39.99 -24.94 0.28
N LYS E 35 40.63 -24.43 1.32
CA LYS E 35 41.29 -25.35 2.21
C LYS E 35 41.08 -24.92 3.66
N SER E 36 40.98 -25.92 4.52
CA SER E 36 40.41 -25.72 5.85
C SER E 36 41.39 -25.00 6.77
N ASN E 37 40.82 -24.18 7.68
CA ASN E 37 41.59 -23.56 8.73
C ASN E 37 41.75 -24.47 9.94
N SER E 38 41.66 -25.78 9.70
CA SER E 38 41.76 -26.80 10.72
C SER E 38 42.51 -27.99 10.14
N MET E 39 43.12 -28.77 11.02
CA MET E 39 43.88 -29.93 10.60
C MET E 39 43.28 -31.16 11.27
N ASP E 40 43.42 -32.31 10.62
CA ASP E 40 42.82 -33.52 11.16
C ASP E 40 43.71 -34.09 12.26
N SER E 41 43.37 -35.26 12.77
CA SER E 41 44.09 -35.83 13.90
C SER E 41 45.53 -36.17 13.53
N GLN E 42 45.79 -36.46 12.25
CA GLN E 42 47.12 -36.82 11.80
C GLN E 42 47.82 -35.67 11.08
N GLY E 43 47.32 -34.44 11.24
CA GLY E 43 48.01 -33.25 10.76
C GLY E 43 47.70 -32.82 9.34
N ASN E 44 46.62 -33.33 8.74
CA ASN E 44 46.29 -33.03 7.35
C ASN E 44 45.06 -32.14 7.28
N TYR E 45 44.91 -31.47 6.14
CA TYR E 45 43.76 -30.61 5.87
C TYR E 45 42.46 -31.40 5.98
N ASP E 46 41.54 -30.93 6.85
CA ASP E 46 40.18 -31.46 6.82
C ASP E 46 39.51 -31.21 5.47
N VAL E 47 39.87 -30.12 4.81
CA VAL E 47 39.29 -29.72 3.54
C VAL E 47 40.40 -29.22 2.64
N TYR E 48 40.39 -29.69 1.38
CA TYR E 48 41.37 -29.25 0.39
C TYR E 48 40.74 -29.50 -0.98
N GLU E 49 40.10 -28.48 -1.55
CA GLU E 49 39.11 -28.71 -2.60
C GLU E 49 39.44 -27.79 -3.77
N THR E 50 39.58 -28.37 -4.96
CA THR E 50 39.99 -27.61 -6.13
C THR E 50 38.77 -27.36 -7.01
N ILE E 51 38.62 -26.13 -7.49
CA ILE E 51 37.56 -25.75 -8.43
C ILE E 51 38.23 -25.21 -9.69
N LYS E 52 37.95 -25.84 -10.83
CA LYS E 52 38.47 -25.42 -12.12
C LYS E 52 37.35 -24.84 -12.97
N PHE E 53 37.60 -23.69 -13.58
CA PHE E 53 36.59 -22.98 -14.36
C PHE E 53 36.84 -23.17 -15.86
N GLN E 54 35.75 -23.13 -16.62
CA GLN E 54 35.83 -23.07 -18.08
C GLN E 54 36.80 -21.98 -18.51
N LYS E 55 37.75 -22.37 -19.35
CA LYS E 55 38.83 -21.49 -19.79
C LYS E 55 38.96 -21.69 -21.29
N GLY E 56 38.50 -20.71 -22.06
CA GLY E 56 38.33 -20.88 -23.48
C GLY E 56 36.94 -21.39 -23.83
N ALA E 57 36.59 -21.24 -25.11
CA ALA E 57 35.26 -21.66 -25.55
C ALA E 57 35.08 -23.16 -25.33
N ARG E 58 33.88 -23.53 -24.89
CA ARG E 58 33.50 -24.93 -24.74
C ARG E 58 33.63 -25.72 -26.04
N LYS E 59 33.75 -25.02 -27.18
CA LYS E 59 33.77 -25.69 -28.48
C LYS E 59 35.16 -26.09 -28.97
N GLU E 60 36.22 -25.42 -28.52
CA GLU E 60 37.57 -25.91 -28.84
C GLU E 60 37.93 -27.06 -27.92
N GLU E 61 38.66 -28.04 -28.47
CA GLU E 61 39.28 -29.03 -27.59
C GLU E 61 40.47 -28.44 -26.85
N LYS E 62 41.02 -27.34 -27.37
CA LYS E 62 42.12 -26.63 -26.73
C LYS E 62 41.78 -26.27 -25.29
N SER E 63 40.51 -25.96 -25.04
CA SER E 63 40.09 -25.26 -23.83
C SER E 63 40.19 -26.14 -22.58
N GLN E 64 40.36 -25.47 -21.45
CA GLN E 64 40.22 -26.10 -20.13
C GLN E 64 38.75 -26.09 -19.76
N HIS E 65 38.07 -27.20 -20.00
CA HIS E 65 36.63 -27.29 -19.76
C HIS E 65 36.33 -27.40 -18.27
N GLY E 66 35.42 -26.57 -17.78
CA GLY E 66 35.15 -26.56 -16.37
C GLY E 66 33.81 -25.94 -16.04
N VAL E 67 33.68 -25.50 -14.78
CA VAL E 67 32.45 -24.92 -14.29
C VAL E 67 32.44 -23.43 -14.60
N ILE E 68 31.26 -22.82 -14.42
CA ILE E 68 31.02 -21.41 -14.70
C ILE E 68 30.39 -20.83 -13.44
N ASP E 69 30.60 -19.53 -13.21
CA ASP E 69 30.30 -18.95 -11.90
C ASP E 69 28.83 -19.15 -11.54
N SER E 70 27.95 -19.11 -12.55
CA SER E 70 26.53 -19.26 -12.30
C SER E 70 26.21 -20.64 -11.74
N ASP E 71 27.00 -21.67 -12.07
CA ASP E 71 26.80 -22.99 -11.47
C ASP E 71 26.98 -22.92 -9.96
N LEU E 72 28.04 -22.24 -9.51
CA LEU E 72 28.28 -22.11 -8.07
C LEU E 72 27.17 -21.31 -7.41
N LEU E 73 26.74 -20.21 -8.05
CA LEU E 73 25.62 -19.46 -7.48
C LEU E 73 24.32 -20.25 -7.46
N GLU E 74 24.06 -21.10 -8.46
CA GLU E 74 22.84 -21.90 -8.42
C GLU E 74 22.90 -22.92 -7.27
N ILE E 75 24.08 -23.45 -6.98
CA ILE E 75 24.21 -24.35 -5.83
C ILE E 75 23.89 -23.61 -4.54
N VAL E 76 24.47 -22.43 -4.38
CA VAL E 76 24.21 -21.63 -3.18
C VAL E 76 22.73 -21.25 -3.08
N ARG E 77 22.13 -20.82 -4.20
CA ARG E 77 20.71 -20.49 -4.23
C ARG E 77 19.85 -21.65 -3.75
N ASP E 78 20.13 -22.87 -4.25
CA ASP E 78 19.35 -24.04 -3.85
C ASP E 78 19.51 -24.34 -2.37
N ARG E 79 20.73 -24.23 -1.85
CA ARG E 79 20.92 -24.48 -0.43
C ARG E 79 20.20 -23.42 0.41
N LEU E 80 20.26 -22.16 0.01
CA LEU E 80 19.59 -21.14 0.80
C LEU E 80 18.08 -21.33 0.76
N LYS E 81 17.52 -21.71 -0.38
CA LYS E 81 16.10 -22.03 -0.42
C LYS E 81 15.77 -23.16 0.54
N SER E 82 16.61 -24.21 0.55
CA SER E 82 16.37 -25.34 1.44
C SER E 82 16.40 -24.91 2.90
N PHE E 83 17.42 -24.13 3.26
CA PHE E 83 17.52 -23.63 4.63
C PHE E 83 16.33 -22.78 5.00
N GLN E 84 15.80 -22.03 4.03
CA GLN E 84 14.69 -21.16 4.38
C GLN E 84 13.43 -21.97 4.59
N ALA E 85 13.28 -23.09 3.86
CA ALA E 85 12.17 -24.00 4.12
C ALA E 85 12.32 -24.75 5.45
N GLY E 86 13.54 -24.87 5.97
CA GLY E 86 13.80 -25.69 7.14
C GLY E 86 13.73 -24.94 8.46
N PRO E 87 14.21 -25.58 9.54
CA PRO E 87 13.99 -25.04 10.89
C PRO E 87 14.94 -23.93 11.29
N PHE E 88 16.03 -23.71 10.57
CA PHE E 88 17.05 -22.75 10.92
C PHE E 88 17.08 -21.60 9.92
N SER E 89 15.90 -21.19 9.47
CA SER E 89 15.78 -20.06 8.56
C SER E 89 16.13 -18.76 9.27
N SER E 90 16.40 -17.71 8.47
CA SER E 90 16.72 -16.41 9.03
C SER E 90 16.47 -15.32 7.99
N ARG E 91 16.32 -14.10 8.49
CA ARG E 91 16.27 -12.93 7.62
C ARG E 91 17.59 -12.73 6.89
N GLU E 92 18.71 -12.96 7.57
CA GLU E 92 20.02 -12.82 6.95
C GLU E 92 20.13 -13.75 5.74
N ASN E 93 19.63 -14.98 5.90
CA ASN E 93 19.54 -15.91 4.77
C ASN E 93 18.69 -15.34 3.63
N ALA E 94 17.53 -14.75 3.96
CA ALA E 94 16.63 -14.33 2.89
C ALA E 94 17.26 -13.19 2.11
N CYS E 95 17.92 -12.27 2.81
CA CYS E 95 18.62 -11.19 2.12
C CYS E 95 19.75 -11.72 1.24
N ALA E 96 20.55 -12.66 1.77
CA ALA E 96 21.59 -13.29 0.96
C ALA E 96 21.00 -13.98 -0.27
N LEU E 97 19.91 -14.70 -0.10
CA LEU E 97 19.32 -15.46 -1.21
C LEU E 97 18.80 -14.52 -2.30
N THR E 98 18.16 -13.42 -1.90
CA THR E 98 17.64 -12.51 -2.91
C THR E 98 18.78 -11.84 -3.67
N HIS E 99 19.87 -11.49 -2.98
CA HIS E 99 21.00 -10.91 -3.70
C HIS E 99 21.66 -11.96 -4.60
N VAL E 100 21.75 -13.22 -4.15
CA VAL E 100 22.28 -14.27 -5.02
C VAL E 100 21.44 -14.40 -6.28
N GLU E 101 20.11 -14.39 -6.13
CA GLU E 101 19.24 -14.54 -7.29
C GLU E 101 19.31 -13.32 -8.20
N GLU E 102 19.48 -12.12 -7.63
CA GLU E 102 19.62 -10.95 -8.49
C GLU E 102 20.97 -10.97 -9.22
N ALA E 103 22.01 -11.49 -8.57
CA ALA E 103 23.29 -11.66 -9.26
C ALA E 103 23.18 -12.64 -10.40
N LEU E 104 22.48 -13.76 -10.18
CA LEU E 104 22.29 -14.74 -11.25
C LEU E 104 21.51 -14.14 -12.40
N MET E 105 20.45 -13.39 -12.08
CA MET E 105 19.70 -12.76 -13.13
C MET E 105 20.55 -11.78 -13.92
N TRP E 106 21.50 -11.08 -13.27
CA TRP E 106 22.39 -10.20 -14.02
C TRP E 106 23.42 -10.98 -14.84
N MET E 107 23.91 -12.12 -14.33
CA MET E 107 24.76 -12.99 -15.14
C MET E 107 24.00 -13.49 -16.35
N ASN E 108 22.70 -13.75 -16.19
CA ASN E 108 21.91 -14.18 -17.32
C ASN E 108 21.67 -13.03 -18.30
N ARG E 109 21.52 -11.81 -17.78
CA ARG E 109 21.53 -10.63 -18.65
C ARG E 109 22.77 -10.62 -19.52
N ARG E 110 23.93 -10.94 -18.91
CA ARG E 110 25.19 -10.93 -19.66
C ARG E 110 25.16 -11.98 -20.76
N VAL E 111 24.68 -13.18 -20.44
CA VAL E 111 24.53 -14.22 -21.47
C VAL E 111 23.59 -13.77 -22.59
N GLU E 112 22.46 -13.13 -22.25
CA GLU E 112 21.48 -12.83 -23.30
C GLU E 112 21.92 -11.69 -24.23
N ASP E 113 22.43 -10.57 -23.69
CA ASP E 113 22.98 -9.52 -24.57
C ASP E 113 24.16 -10.04 -25.39
N ARG E 114 24.97 -10.96 -24.84
CA ARG E 114 26.05 -11.50 -25.66
C ARG E 114 25.51 -12.43 -26.75
N ILE E 115 24.42 -13.13 -26.49
CA ILE E 115 23.74 -13.90 -27.53
C ILE E 115 23.24 -12.98 -28.63
N GLU E 116 22.58 -11.88 -28.24
CA GLU E 116 22.02 -10.92 -29.19
C GLU E 116 23.10 -10.30 -30.07
N ARG E 117 24.31 -10.14 -29.53
CA ARG E 117 25.42 -9.54 -30.26
C ARG E 117 26.30 -10.59 -30.95
N ASN E 118 25.87 -11.86 -30.97
CA ASN E 118 26.63 -12.94 -31.59
C ASN E 118 28.06 -13.04 -31.05
N VAL E 119 28.28 -12.66 -29.79
CA VAL E 119 29.62 -12.64 -29.22
C VAL E 119 29.81 -13.66 -28.10
N LEU E 120 28.77 -14.37 -27.70
CA LEU E 120 28.95 -15.40 -26.68
C LEU E 120 29.97 -16.43 -27.16
N GLY E 121 30.88 -16.83 -26.26
CA GLY E 121 31.90 -17.77 -26.63
C GLY E 121 33.05 -17.19 -27.42
N THR E 122 33.17 -15.86 -27.44
CA THR E 122 34.29 -15.20 -28.09
C THR E 122 34.93 -14.22 -27.13
N ASN E 123 36.21 -13.96 -27.35
CA ASN E 123 36.96 -13.01 -26.53
C ASN E 123 36.76 -11.60 -27.09
N THR E 124 35.57 -11.07 -26.84
CA THR E 124 35.16 -9.77 -27.35
C THR E 124 34.34 -9.06 -26.30
N LYS E 125 34.59 -7.76 -26.13
CA LYS E 125 33.85 -6.96 -25.15
C LYS E 125 32.37 -6.87 -25.49
N LYS F 1 15.94 -33.74 -9.00
CA LYS F 1 17.29 -33.61 -8.49
C LYS F 1 18.15 -32.64 -9.31
N GLU F 2 17.79 -32.45 -10.58
CA GLU F 2 18.46 -31.44 -11.39
C GLU F 2 17.91 -30.07 -11.02
N LEU F 3 18.81 -29.10 -10.91
CA LEU F 3 18.42 -27.74 -10.52
C LEU F 3 17.75 -27.01 -11.67
N SER F 4 16.59 -26.45 -11.39
CA SER F 4 15.97 -25.52 -12.32
C SER F 4 16.66 -24.17 -12.15
N THR F 5 17.32 -23.70 -13.20
CA THR F 5 18.22 -22.55 -13.09
C THR F 5 17.57 -21.30 -13.67
N ILE F 6 18.16 -20.14 -13.33
CA ILE F 6 17.68 -18.90 -13.93
C ILE F 6 18.06 -18.82 -15.40
N GLN F 7 19.25 -19.28 -15.75
CA GLN F 7 19.65 -19.32 -17.16
C GLN F 7 18.93 -20.46 -17.87
N LYS F 8 18.30 -20.14 -19.00
CA LYS F 8 17.54 -21.11 -19.78
C LYS F 8 18.19 -21.46 -21.12
N ARG F 9 19.04 -20.61 -21.67
CA ARG F 9 19.60 -20.84 -22.99
C ARG F 9 21.12 -20.84 -22.95
N GLU F 10 21.69 -21.67 -23.83
CA GLU F 10 23.14 -21.78 -24.00
C GLU F 10 23.83 -22.14 -22.69
N LYS F 11 23.20 -23.00 -21.91
CA LYS F 11 23.80 -23.44 -20.66
C LYS F 11 24.97 -24.36 -20.92
N LEU F 12 26.10 -24.07 -20.27
CA LEU F 12 27.27 -24.94 -20.39
C LEU F 12 27.06 -26.27 -19.68
N ASN F 13 26.64 -26.23 -18.42
CA ASN F 13 26.63 -27.39 -17.54
C ASN F 13 25.25 -27.52 -16.89
N THR F 14 25.02 -28.68 -16.29
CA THR F 14 23.86 -28.92 -15.43
C THR F 14 24.34 -29.22 -14.02
N VAL F 15 23.51 -28.83 -13.05
CA VAL F 15 23.79 -29.00 -11.64
C VAL F 15 22.75 -29.94 -11.04
N GLU F 16 23.21 -30.86 -10.19
CA GLU F 16 22.32 -31.86 -9.60
C GLU F 16 22.63 -32.03 -8.12
N ARG F 17 21.58 -32.27 -7.34
CA ARG F 17 21.71 -32.62 -5.93
C ARG F 17 22.26 -34.05 -5.80
N ILE F 18 23.15 -34.26 -4.83
CA ILE F 18 23.68 -35.58 -4.50
C ILE F 18 23.22 -35.95 -3.10
N GLY F 19 22.74 -37.18 -2.95
CA GLY F 19 22.40 -37.66 -1.63
C GLY F 19 21.03 -37.28 -1.15
N SER F 20 20.87 -37.22 0.17
CA SER F 20 19.58 -36.92 0.78
C SER F 20 19.65 -35.59 1.52
N GLU F 21 18.47 -35.08 1.87
CA GLU F 21 18.36 -33.95 2.76
C GLU F 21 19.12 -34.22 4.06
N GLY F 22 19.72 -33.17 4.62
CA GLY F 22 20.50 -33.29 5.84
C GLY F 22 20.14 -32.25 6.87
N PRO F 23 21.12 -31.83 7.68
CA PRO F 23 20.86 -30.82 8.72
C PRO F 23 20.31 -29.52 8.12
N GLY F 24 19.28 -28.98 8.77
CA GLY F 24 18.61 -27.79 8.29
C GLY F 24 17.70 -27.99 7.09
N GLY F 25 17.60 -29.22 6.58
CA GLY F 25 16.76 -29.53 5.45
C GLY F 25 17.42 -29.37 4.09
N ALA F 26 18.74 -29.19 4.04
CA ALA F 26 19.44 -28.91 2.81
C ALA F 26 20.28 -30.10 2.37
N TYR F 27 20.71 -30.05 1.12
CA TYR F 27 21.68 -31.00 0.57
C TYR F 27 23.09 -30.48 0.78
N HIS F 28 24.04 -31.40 0.93
CA HIS F 28 25.41 -31.00 1.22
C HIS F 28 26.39 -31.56 0.20
N GLU F 29 25.89 -32.04 -0.93
CA GLU F 29 26.76 -32.46 -2.01
C GLU F 29 26.04 -32.17 -3.32
N TYR F 30 26.80 -31.64 -4.27
CA TYR F 30 26.26 -31.27 -5.57
C TYR F 30 27.22 -31.71 -6.65
N VAL F 31 26.68 -32.02 -7.82
CA VAL F 31 27.50 -32.37 -8.99
C VAL F 31 27.22 -31.34 -10.09
N ILE F 32 28.28 -30.88 -10.72
CA ILE F 32 28.19 -30.09 -11.94
C ILE F 32 28.77 -30.92 -13.06
N LYS F 33 27.99 -31.15 -14.10
CA LYS F 33 28.45 -31.96 -15.21
C LYS F 33 28.19 -31.23 -16.51
N SER F 34 29.15 -31.34 -17.42
CA SER F 34 29.06 -30.65 -18.69
C SER F 34 27.88 -31.17 -19.49
N ASN F 35 27.32 -30.29 -20.31
CA ASN F 35 26.32 -30.67 -21.29
C ASN F 35 26.97 -31.25 -22.54
N SER F 36 28.25 -30.97 -22.74
CA SER F 36 29.07 -31.53 -23.80
C SER F 36 29.68 -32.87 -23.37
N MET F 37 30.14 -33.64 -24.35
CA MET F 37 30.55 -35.01 -24.09
C MET F 37 31.82 -35.31 -24.90
N ASP F 38 32.67 -36.18 -24.37
CA ASP F 38 33.83 -36.61 -25.12
C ASP F 38 33.50 -37.86 -25.95
N SER F 39 34.51 -38.39 -26.65
CA SER F 39 34.29 -39.48 -27.59
C SER F 39 33.71 -40.71 -26.90
N GLN F 40 34.30 -41.09 -25.76
CA GLN F 40 33.93 -42.33 -25.08
C GLN F 40 32.64 -42.22 -24.27
N GLY F 41 31.92 -41.11 -24.35
CA GLY F 41 30.72 -40.94 -23.55
C GLY F 41 30.96 -40.59 -22.10
N ASN F 42 32.11 -40.01 -21.79
CA ASN F 42 32.40 -39.49 -20.46
C ASN F 42 32.18 -37.99 -20.45
N TYR F 43 31.53 -37.49 -19.41
CA TYR F 43 31.33 -36.06 -19.28
C TYR F 43 32.67 -35.32 -19.38
N ASP F 44 32.68 -34.23 -20.16
CA ASP F 44 33.88 -33.41 -20.25
C ASP F 44 34.13 -32.66 -18.95
N VAL F 45 33.09 -32.38 -18.18
CA VAL F 45 33.20 -31.86 -16.83
C VAL F 45 32.32 -32.72 -15.92
N TYR F 46 32.89 -33.20 -14.82
CA TYR F 46 32.11 -33.89 -13.79
C TYR F 46 32.79 -33.60 -12.45
N GLU F 47 32.32 -32.57 -11.77
CA GLU F 47 32.91 -32.13 -10.51
C GLU F 47 31.89 -32.16 -9.39
N THR F 48 32.26 -32.79 -8.28
CA THR F 48 31.46 -32.80 -7.08
C THR F 48 31.96 -31.72 -6.13
N ILE F 49 31.02 -31.10 -5.40
CA ILE F 49 31.31 -30.13 -4.36
C ILE F 49 30.63 -30.59 -3.09
N LYS F 50 31.41 -30.84 -2.04
CA LYS F 50 30.91 -31.29 -0.75
C LYS F 50 30.96 -30.14 0.25
N PHE F 51 29.89 -29.99 1.02
CA PHE F 51 29.76 -28.89 1.97
C PHE F 51 29.96 -29.41 3.40
N GLN F 52 30.46 -28.54 4.26
CA GLN F 52 30.46 -28.82 5.69
C GLN F 52 29.08 -29.30 6.13
N LYS F 53 29.03 -30.50 6.70
CA LYS F 53 27.78 -31.12 7.15
C LYS F 53 28.04 -31.64 8.55
N GLY F 54 27.46 -30.96 9.55
CA GLY F 54 27.87 -31.14 10.93
C GLY F 54 28.97 -30.18 11.32
N ALA F 55 29.07 -29.93 12.62
CA ALA F 55 30.02 -28.95 13.13
C ALA F 55 31.46 -29.35 12.85
N ARG F 56 32.29 -28.34 12.56
CA ARG F 56 33.69 -28.57 12.22
C ARG F 56 34.49 -29.08 13.41
N LYS F 57 34.07 -28.78 14.65
CA LYS F 57 34.81 -29.29 15.80
C LYS F 57 34.60 -30.79 16.00
N GLU F 58 33.53 -31.36 15.45
CA GLU F 58 33.24 -32.79 15.61
C GLU F 58 33.94 -33.60 14.53
N GLU F 59 34.67 -34.63 14.95
CA GLU F 59 35.46 -35.43 14.03
C GLU F 59 34.59 -36.27 13.08
N LYS F 60 33.35 -36.60 13.48
CA LYS F 60 32.45 -37.39 12.66
C LYS F 60 31.76 -36.60 11.54
N SER F 61 31.91 -35.28 11.51
CA SER F 61 31.19 -34.49 10.51
C SER F 61 31.79 -34.71 9.12
N GLN F 62 30.97 -34.43 8.09
CA GLN F 62 31.50 -34.30 6.74
C GLN F 62 32.05 -32.90 6.61
N HIS F 63 33.39 -32.78 6.67
CA HIS F 63 34.03 -31.48 6.52
C HIS F 63 34.07 -31.08 5.06
N GLY F 64 33.76 -29.82 4.78
CA GLY F 64 33.71 -29.38 3.41
C GLY F 64 33.65 -27.88 3.28
N VAL F 65 33.29 -27.43 2.09
CA VAL F 65 33.26 -26.00 1.78
C VAL F 65 32.02 -25.39 2.41
N ILE F 66 31.95 -24.05 2.40
CA ILE F 66 30.78 -23.32 2.87
C ILE F 66 30.49 -22.29 1.78
N ASP F 67 29.25 -21.81 1.75
CA ASP F 67 28.77 -21.06 0.57
C ASP F 67 29.56 -19.76 0.36
N SER F 68 29.96 -19.09 1.45
CA SER F 68 30.71 -17.85 1.29
C SER F 68 32.04 -18.08 0.56
N ASP F 69 32.63 -19.29 0.67
CA ASP F 69 33.84 -19.61 -0.09
C ASP F 69 33.58 -19.51 -1.61
N LEU F 70 32.49 -20.15 -2.05
CA LEU F 70 32.13 -20.10 -3.47
C LEU F 70 31.82 -18.67 -3.91
N LEU F 71 31.10 -17.91 -3.07
CA LEU F 71 30.80 -16.53 -3.45
C LEU F 71 32.05 -15.66 -3.48
N GLU F 72 33.03 -15.93 -2.61
CA GLU F 72 34.27 -15.16 -2.67
C GLU F 72 35.05 -15.47 -3.93
N ILE F 73 35.04 -16.74 -4.36
CA ILE F 73 35.67 -17.06 -5.65
C ILE F 73 35.00 -16.30 -6.79
N VAL F 74 33.67 -16.29 -6.83
CA VAL F 74 32.97 -15.60 -7.90
C VAL F 74 33.22 -14.10 -7.83
N ARG F 75 33.22 -13.54 -6.62
CA ARG F 75 33.58 -12.13 -6.41
C ARG F 75 34.95 -11.80 -6.99
N ASP F 76 35.94 -12.64 -6.67
CA ASP F 76 37.31 -12.39 -7.15
C ASP F 76 37.36 -12.43 -8.66
N ARG F 77 36.70 -13.42 -9.26
CA ARG F 77 36.69 -13.52 -10.71
C ARG F 77 36.00 -12.31 -11.33
N LEU F 78 34.91 -11.84 -10.72
CA LEU F 78 34.21 -10.69 -11.29
C LEU F 78 35.05 -9.43 -11.18
N LYS F 79 35.78 -9.28 -10.08
CA LYS F 79 36.68 -8.14 -9.96
C LYS F 79 37.77 -8.21 -11.04
N SER F 80 38.31 -9.40 -11.29
CA SER F 80 39.32 -9.52 -12.35
C SER F 80 38.73 -9.21 -13.72
N PHE F 81 37.49 -9.64 -13.98
CA PHE F 81 36.89 -9.36 -15.27
C PHE F 81 36.61 -7.87 -15.43
N GLN F 82 36.23 -7.20 -14.35
CA GLN F 82 35.97 -5.76 -14.43
C GLN F 82 37.24 -4.96 -14.62
N ALA F 83 38.37 -5.45 -14.09
CA ALA F 83 39.65 -4.77 -14.34
C ALA F 83 40.24 -5.11 -15.70
N GLY F 84 39.73 -6.14 -16.38
CA GLY F 84 40.26 -6.56 -17.66
C GLY F 84 39.61 -5.83 -18.83
N PRO F 85 39.78 -6.38 -20.03
CA PRO F 85 39.23 -5.74 -21.24
C PRO F 85 37.79 -6.10 -21.56
N PHE F 86 37.22 -7.11 -20.90
CA PHE F 86 35.89 -7.60 -21.21
C PHE F 86 34.91 -7.29 -20.07
N SER F 87 34.96 -6.07 -19.55
CA SER F 87 34.09 -5.62 -18.48
C SER F 87 32.73 -5.23 -19.02
N SER F 88 31.76 -5.08 -18.10
CA SER F 88 30.39 -4.77 -18.48
C SER F 88 29.63 -4.29 -17.26
N ARG F 89 28.58 -3.52 -17.53
CA ARG F 89 27.66 -3.13 -16.46
C ARG F 89 26.98 -4.34 -15.86
N GLU F 90 26.63 -5.34 -16.68
CA GLU F 90 26.01 -6.54 -16.14
C GLU F 90 26.93 -7.20 -15.11
N ASN F 91 28.21 -7.34 -15.45
CA ASN F 91 29.21 -7.80 -14.50
C ASN F 91 29.20 -6.97 -13.22
N ALA F 92 29.08 -5.63 -13.34
CA ALA F 92 29.19 -4.79 -12.16
C ALA F 92 27.99 -4.97 -11.24
N CYS F 93 26.79 -5.02 -11.81
CA CYS F 93 25.62 -5.27 -10.98
C CYS F 93 25.69 -6.65 -10.33
N ALA F 94 26.14 -7.66 -11.08
CA ALA F 94 26.29 -8.98 -10.48
C ALA F 94 27.29 -8.96 -9.35
N LEU F 95 28.44 -8.29 -9.55
CA LEU F 95 29.46 -8.22 -8.52
C LEU F 95 28.94 -7.53 -7.26
N THR F 96 28.23 -6.41 -7.41
CA THR F 96 27.74 -5.73 -6.21
C THR F 96 26.71 -6.60 -5.49
N HIS F 97 25.84 -7.31 -6.23
CA HIS F 97 24.90 -8.23 -5.60
C HIS F 97 25.61 -9.38 -4.88
N VAL F 98 26.65 -9.97 -5.49
CA VAL F 98 27.44 -11.01 -4.82
C VAL F 98 28.08 -10.47 -3.55
N GLU F 99 28.61 -9.25 -3.59
CA GLU F 99 29.25 -8.69 -2.40
C GLU F 99 28.22 -8.45 -1.30
N GLU F 100 27.03 -7.96 -1.66
CA GLU F 100 26.01 -7.75 -0.64
C GLU F 100 25.51 -9.08 -0.07
N ALA F 101 25.39 -10.11 -0.91
CA ALA F 101 25.12 -11.46 -0.38
C ALA F 101 26.19 -11.89 0.62
N LEU F 102 27.46 -11.64 0.31
CA LEU F 102 28.52 -12.03 1.24
C LEU F 102 28.43 -11.25 2.54
N MET F 103 28.06 -9.97 2.44
CA MET F 103 27.86 -9.13 3.61
C MET F 103 26.74 -9.64 4.50
N TRP F 104 25.63 -10.10 3.89
CA TRP F 104 24.56 -10.71 4.70
C TRP F 104 24.95 -12.08 5.25
N MET F 105 25.78 -12.82 4.53
CA MET F 105 26.27 -14.10 5.06
C MET F 105 27.15 -13.87 6.29
N ASN F 106 27.98 -12.86 6.21
CA ASN F 106 28.79 -12.47 7.39
C ASN F 106 27.92 -11.93 8.53
N ARG F 107 26.87 -11.18 8.20
CA ARG F 107 25.95 -10.74 9.23
C ARG F 107 25.33 -11.95 9.95
N ARG F 108 24.97 -12.99 9.20
CA ARG F 108 24.47 -14.20 9.83
C ARG F 108 25.51 -14.77 10.80
N VAL F 109 26.74 -14.91 10.33
CA VAL F 109 27.75 -15.52 11.22
C VAL F 109 27.92 -14.67 12.47
N GLU F 110 28.01 -13.35 12.31
CA GLU F 110 28.22 -12.46 13.45
C GLU F 110 27.01 -12.44 14.38
N ASP F 111 25.79 -12.47 13.82
CA ASP F 111 24.60 -12.58 14.67
C ASP F 111 24.61 -13.87 15.47
N ARG F 112 24.99 -14.97 14.81
CA ARG F 112 25.01 -16.24 15.52
C ARG F 112 26.08 -16.24 16.60
N ILE F 113 27.20 -15.54 16.37
CA ILE F 113 28.18 -15.34 17.44
C ILE F 113 27.57 -14.55 18.60
N GLU F 114 26.85 -13.45 18.27
CA GLU F 114 26.28 -12.61 19.32
C GLU F 114 25.37 -13.40 20.24
N ARG F 115 24.57 -14.30 19.67
CA ARG F 115 23.60 -15.10 20.40
C ARG F 115 24.17 -16.42 20.91
N ASN F 116 25.45 -16.67 20.67
CA ASN F 116 26.10 -17.91 21.11
C ASN F 116 25.41 -19.15 20.54
N VAL F 117 25.07 -19.09 19.25
CA VAL F 117 24.49 -20.23 18.56
C VAL F 117 25.29 -20.67 17.35
N LEU F 118 26.36 -19.98 16.97
CA LEU F 118 27.21 -20.43 15.85
C LEU F 118 27.73 -21.84 16.09
N GLY F 119 27.60 -22.69 15.10
CA GLY F 119 28.00 -24.07 15.21
C GLY F 119 27.03 -24.98 15.94
N THR F 120 25.79 -24.53 16.12
CA THR F 120 24.75 -25.30 16.78
C THR F 120 23.53 -25.39 15.88
N ASN F 121 22.77 -26.47 16.04
CA ASN F 121 21.60 -26.74 15.21
C ASN F 121 20.42 -26.01 15.84
N THR F 122 20.39 -24.70 15.64
CA THR F 122 19.31 -23.92 16.22
C THR F 122 19.14 -22.67 15.37
N LYS F 123 17.92 -22.13 15.35
CA LYS F 123 17.61 -20.99 14.55
C LYS F 123 18.34 -19.73 15.07
N PRO G 1 -67.59 12.27 0.36
CA PRO G 1 -66.98 12.98 1.47
C PRO G 1 -66.21 12.07 2.42
N MET G 2 -66.86 11.02 2.92
CA MET G 2 -66.26 10.19 3.94
C MET G 2 -65.11 9.33 3.43
N LYS G 3 -64.92 9.25 2.11
CA LYS G 3 -63.76 8.56 1.54
C LYS G 3 -62.54 9.45 1.39
N GLU G 4 -62.73 10.78 1.38
CA GLU G 4 -61.66 11.72 1.10
C GLU G 4 -60.81 11.98 2.34
N LEU G 5 -59.48 11.89 2.18
CA LEU G 5 -58.58 12.09 3.30
C LEU G 5 -58.52 13.54 3.74
N SER G 6 -58.55 13.75 5.05
CA SER G 6 -58.30 15.08 5.60
C SER G 6 -56.79 15.24 5.72
N THR G 7 -56.22 16.11 4.91
CA THR G 7 -54.77 16.24 4.82
C THR G 7 -54.22 17.38 5.67
N ILE G 8 -52.92 17.30 5.94
CA ILE G 8 -52.24 18.38 6.64
C ILE G 8 -52.18 19.64 5.77
N GLN G 9 -51.88 19.50 4.48
CA GLN G 9 -51.94 20.65 3.60
C GLN G 9 -53.40 21.07 3.37
N LYS G 10 -53.67 22.36 3.50
CA LYS G 10 -55.01 22.88 3.26
C LYS G 10 -55.10 23.78 2.05
N ARG G 11 -54.01 24.39 1.60
CA ARG G 11 -54.10 25.45 0.61
C ARG G 11 -53.34 25.04 -0.64
N GLU G 12 -53.91 25.40 -1.79
CA GLU G 12 -53.26 25.20 -3.09
C GLU G 12 -52.95 23.73 -3.35
N LYS G 13 -53.85 22.84 -2.96
CA LYS G 13 -53.64 21.41 -3.21
C LYS G 13 -53.77 21.05 -4.69
N LEU G 14 -52.83 20.23 -5.15
CA LEU G 14 -52.89 19.71 -6.51
C LEU G 14 -54.00 18.68 -6.65
N ASN G 15 -54.05 17.71 -5.74
CA ASN G 15 -54.86 16.50 -5.90
C ASN G 15 -55.66 16.24 -4.62
N THR G 16 -56.75 15.52 -4.78
CA THR G 16 -57.50 14.92 -3.68
C THR G 16 -57.12 13.45 -3.58
N VAL G 17 -57.17 12.91 -2.36
CA VAL G 17 -56.87 11.51 -2.12
C VAL G 17 -58.08 10.87 -1.47
N GLU G 18 -58.52 9.73 -2.02
CA GLU G 18 -59.67 9.02 -1.47
C GLU G 18 -59.34 7.55 -1.23
N ARG G 19 -59.94 6.99 -0.18
CA ARG G 19 -59.93 5.57 0.05
C ARG G 19 -60.82 4.88 -0.96
N ILE G 20 -60.42 3.67 -1.35
CA ILE G 20 -61.20 2.84 -2.26
C ILE G 20 -61.53 1.56 -1.54
N GLY G 21 -62.79 1.13 -1.64
CA GLY G 21 -63.18 -0.13 -1.03
C GLY G 21 -63.48 0.03 0.45
N SER G 22 -63.18 -1.02 1.20
CA SER G 22 -63.58 -1.10 2.59
C SER G 22 -62.36 -1.39 3.45
N GLU G 23 -62.57 -1.25 4.75
CA GLU G 23 -61.55 -1.64 5.72
C GLU G 23 -61.18 -3.11 5.55
N GLY G 24 -59.90 -3.40 5.67
CA GLY G 24 -59.40 -4.74 5.47
C GLY G 24 -58.69 -5.26 6.70
N PRO G 25 -57.80 -6.24 6.52
CA PRO G 25 -57.07 -6.80 7.66
C PRO G 25 -56.31 -5.71 8.39
N GLY G 26 -56.35 -5.77 9.72
CA GLY G 26 -55.67 -4.78 10.53
C GLY G 26 -56.41 -3.48 10.69
N GLY G 27 -57.51 -3.28 9.96
CA GLY G 27 -58.30 -2.07 10.03
C GLY G 27 -58.02 -1.08 8.93
N ALA G 28 -56.97 -1.27 8.16
CA ALA G 28 -56.59 -0.28 7.18
C ALA G 28 -57.29 -0.50 5.85
N TYR G 29 -57.24 0.51 5.00
CA TYR G 29 -57.64 0.39 3.60
C TYR G 29 -56.43 0.00 2.78
N HIS G 30 -56.69 -0.76 1.69
CA HIS G 30 -55.62 -1.29 0.86
C HIS G 30 -55.71 -0.87 -0.60
N GLU G 31 -56.53 0.14 -0.90
CA GLU G 31 -56.57 0.78 -2.21
C GLU G 31 -56.92 2.25 -2.04
N TYR G 32 -56.25 3.09 -2.81
CA TYR G 32 -56.44 4.53 -2.76
C TYR G 32 -56.43 5.08 -4.18
N VAL G 33 -57.10 6.21 -4.35
CA VAL G 33 -57.04 6.94 -5.62
C VAL G 33 -56.57 8.36 -5.35
N ILE G 34 -55.64 8.84 -6.19
CA ILE G 34 -55.18 10.22 -6.21
C ILE G 34 -55.73 10.85 -7.47
N LYS G 35 -56.53 11.89 -7.33
CA LYS G 35 -57.17 12.46 -8.52
C LYS G 35 -56.96 13.96 -8.51
N SER G 36 -56.75 14.53 -9.71
CA SER G 36 -56.43 15.95 -9.79
C SER G 36 -57.64 16.81 -9.46
N ASN G 37 -57.36 17.98 -8.92
CA ASN G 37 -58.40 18.99 -8.75
C ASN G 37 -58.71 19.71 -10.06
N SER G 38 -58.13 19.25 -11.15
CA SER G 38 -58.28 19.89 -12.45
C SER G 38 -58.75 18.85 -13.47
N MET G 39 -59.38 19.35 -14.53
CA MET G 39 -59.84 18.47 -15.60
C MET G 39 -59.21 18.92 -16.92
N ASP G 40 -59.18 18.01 -17.90
CA ASP G 40 -58.67 18.37 -19.21
C ASP G 40 -59.81 18.91 -20.08
N SER G 41 -59.51 19.15 -21.35
CA SER G 41 -60.43 19.85 -22.23
C SER G 41 -61.63 19.00 -22.63
N GLN G 42 -61.62 17.69 -22.31
CA GLN G 42 -62.75 16.81 -22.56
C GLN G 42 -63.46 16.39 -21.28
N GLY G 43 -63.20 17.08 -20.17
CA GLY G 43 -63.90 16.85 -18.92
C GLY G 43 -63.39 15.69 -18.08
N ASN G 44 -62.27 15.10 -18.44
CA ASN G 44 -61.68 14.01 -17.68
C ASN G 44 -60.63 14.53 -16.71
N TYR G 45 -60.38 13.75 -15.67
CA TYR G 45 -59.32 14.09 -14.72
C TYR G 45 -57.96 14.15 -15.40
N ASP G 46 -57.17 15.19 -15.08
CA ASP G 46 -55.78 15.22 -15.51
C ASP G 46 -54.97 14.11 -14.83
N VAL G 47 -55.34 13.73 -13.61
CA VAL G 47 -54.66 12.73 -12.81
C VAL G 47 -55.71 11.83 -12.20
N TYR G 48 -55.56 10.52 -12.37
CA TYR G 48 -56.47 9.58 -11.72
C TYR G 48 -55.65 8.31 -11.55
N GLU G 49 -55.01 8.19 -10.39
CA GLU G 49 -54.01 7.16 -10.20
C GLU G 49 -54.40 6.30 -9.03
N THR G 50 -54.49 5.00 -9.27
CA THR G 50 -54.87 4.06 -8.24
C THR G 50 -53.61 3.41 -7.69
N ILE G 51 -53.56 3.26 -6.37
CA ILE G 51 -52.44 2.60 -5.70
C ILE G 51 -53.05 1.47 -4.88
N LYS G 52 -52.72 0.23 -5.24
CA LYS G 52 -53.18 -0.97 -4.54
C LYS G 52 -52.06 -1.51 -3.67
N PHE G 53 -52.39 -1.82 -2.43
CA PHE G 53 -51.45 -2.33 -1.44
C PHE G 53 -51.55 -3.84 -1.33
N GLN G 54 -50.42 -4.45 -1.02
CA GLN G 54 -50.43 -5.85 -0.60
C GLN G 54 -51.46 -6.07 0.51
N LYS G 55 -52.31 -7.06 0.30
CA LYS G 55 -53.40 -7.39 1.22
C LYS G 55 -53.45 -8.91 1.29
N GLY G 56 -53.08 -9.47 2.44
CA GLY G 56 -52.77 -10.91 2.44
C GLY G 56 -51.30 -11.16 2.15
N ALA G 57 -50.80 -12.29 2.67
CA ALA G 57 -49.38 -12.60 2.55
C ALA G 57 -48.95 -12.81 1.10
N ARG G 58 -47.75 -12.34 0.76
CA ARG G 58 -47.27 -12.49 -0.61
C ARG G 58 -47.08 -13.96 -0.99
N LYS G 59 -46.90 -14.86 -0.02
CA LYS G 59 -46.70 -16.28 -0.31
C LYS G 59 -47.97 -16.93 -0.86
N GLU G 60 -49.14 -16.36 -0.59
CA GLU G 60 -50.40 -16.94 -1.01
C GLU G 60 -50.78 -16.37 -2.38
N GLU G 61 -51.13 -17.26 -3.30
CA GLU G 61 -51.25 -16.86 -4.70
C GLU G 61 -52.43 -15.93 -4.93
N LYS G 62 -53.51 -16.13 -4.16
CA LYS G 62 -54.75 -15.38 -4.31
C LYS G 62 -54.78 -14.12 -3.44
N SER G 63 -53.70 -13.79 -2.77
CA SER G 63 -53.67 -12.51 -2.09
C SER G 63 -53.76 -11.38 -3.11
N GLN G 64 -54.14 -10.19 -2.65
CA GLN G 64 -54.07 -9.00 -3.50
C GLN G 64 -52.64 -8.52 -3.44
N HIS G 65 -51.86 -8.78 -4.49
CA HIS G 65 -50.45 -8.40 -4.48
C HIS G 65 -50.31 -6.94 -4.85
N GLY G 66 -49.44 -6.23 -4.14
CA GLY G 66 -49.34 -4.80 -4.41
C GLY G 66 -48.14 -4.17 -3.72
N VAL G 67 -48.19 -2.84 -3.62
CA VAL G 67 -47.12 -2.04 -3.03
C VAL G 67 -47.18 -2.13 -1.51
N ILE G 68 -46.10 -1.70 -0.86
CA ILE G 68 -46.10 -1.56 0.58
C ILE G 68 -45.62 -0.15 0.90
N ASP G 69 -45.88 0.28 2.13
CA ASP G 69 -45.71 1.69 2.47
C ASP G 69 -44.26 2.15 2.33
N SER G 70 -43.30 1.30 2.71
CA SER G 70 -41.91 1.67 2.56
C SER G 70 -41.53 1.91 1.11
N ASP G 71 -42.20 1.25 0.14
CA ASP G 71 -41.91 1.56 -1.26
C ASP G 71 -42.20 3.01 -1.59
N LEU G 72 -43.35 3.50 -1.13
CA LEU G 72 -43.74 4.88 -1.37
C LEU G 72 -42.79 5.85 -0.68
N LEU G 73 -42.41 5.55 0.57
CA LEU G 73 -41.48 6.45 1.24
C LEU G 73 -40.09 6.39 0.61
N GLU G 74 -39.64 5.24 0.08
CA GLU G 74 -38.34 5.25 -0.58
C GLU G 74 -38.36 6.11 -1.83
N ILE G 75 -39.49 6.15 -2.55
CA ILE G 75 -39.59 7.03 -3.71
C ILE G 75 -39.46 8.49 -3.30
N VAL G 76 -40.18 8.86 -2.23
CA VAL G 76 -40.13 10.24 -1.72
C VAL G 76 -38.74 10.59 -1.22
N ARG G 77 -38.10 9.66 -0.51
CA ARG G 77 -36.72 9.82 -0.08
C ARG G 77 -35.79 10.09 -1.25
N ASP G 78 -35.93 9.29 -2.34
CA ASP G 78 -35.06 9.49 -3.49
C ASP G 78 -35.27 10.87 -4.10
N ARG G 79 -36.52 11.31 -4.19
CA ARG G 79 -36.79 12.60 -4.81
C ARG G 79 -36.25 13.73 -3.96
N LEU G 80 -36.53 13.69 -2.67
CA LEU G 80 -36.04 14.74 -1.77
C LEU G 80 -34.50 14.79 -1.78
N LYS G 81 -33.84 13.63 -1.78
CA LYS G 81 -32.37 13.67 -1.87
C LYS G 81 -31.95 14.36 -3.15
N SER G 82 -32.64 14.06 -4.26
CA SER G 82 -32.25 14.69 -5.53
C SER G 82 -32.51 16.19 -5.51
N PHE G 83 -33.69 16.60 -5.04
CA PHE G 83 -33.98 18.04 -4.95
C PHE G 83 -32.96 18.76 -4.07
N GLN G 84 -32.46 18.10 -3.02
CA GLN G 84 -31.50 18.74 -2.12
C GLN G 84 -30.10 18.81 -2.70
N ALA G 85 -29.78 17.98 -3.69
CA ALA G 85 -28.54 18.14 -4.44
C ALA G 85 -28.67 19.11 -5.60
N GLY G 86 -29.86 19.67 -5.82
CA GLY G 86 -30.13 20.52 -6.97
C GLY G 86 -30.27 21.99 -6.64
N PRO G 87 -30.77 22.77 -7.61
CA PRO G 87 -30.79 24.23 -7.44
C PRO G 87 -31.97 24.74 -6.62
N PHE G 88 -32.93 23.88 -6.29
CA PHE G 88 -34.15 24.28 -5.62
C PHE G 88 -34.26 23.59 -4.26
N SER G 89 -33.15 23.57 -3.52
CA SER G 89 -33.10 22.96 -2.20
C SER G 89 -33.70 23.90 -1.15
N SER G 90 -33.94 23.36 0.05
CA SER G 90 -34.52 24.19 1.12
C SER G 90 -34.38 23.49 2.46
N ARG G 91 -34.45 24.28 3.53
CA ARG G 91 -34.46 23.67 4.85
C ARG G 91 -35.74 22.86 5.08
N GLU G 92 -36.87 23.25 4.48
CA GLU G 92 -38.09 22.48 4.66
C GLU G 92 -37.94 21.09 4.03
N ASN G 93 -37.31 21.02 2.84
CA ASN G 93 -37.01 19.72 2.23
C ASN G 93 -36.13 18.89 3.14
N ALA G 94 -35.11 19.53 3.72
CA ALA G 94 -34.17 18.77 4.53
C ALA G 94 -34.86 18.16 5.72
N CYS G 95 -35.70 18.94 6.41
CA CYS G 95 -36.37 18.40 7.58
C CYS G 95 -37.35 17.30 7.19
N ALA G 96 -38.08 17.51 6.09
CA ALA G 96 -38.96 16.46 5.60
C ALA G 96 -38.19 15.19 5.27
N LEU G 97 -37.03 15.31 4.60
CA LEU G 97 -36.23 14.15 4.21
C LEU G 97 -35.73 13.39 5.43
N THR G 98 -35.26 14.10 6.47
CA THR G 98 -34.76 13.37 7.63
C THR G 98 -35.90 12.65 8.33
N HIS G 99 -37.09 13.25 8.35
CA HIS G 99 -38.23 12.54 8.94
C HIS G 99 -38.65 11.34 8.10
N VAL G 100 -38.63 11.47 6.78
CA VAL G 100 -38.96 10.32 5.92
C VAL G 100 -37.97 9.20 6.18
N GLU G 101 -36.67 9.52 6.28
CA GLU G 101 -35.68 8.46 6.51
C GLU G 101 -35.89 7.82 7.87
N GLU G 102 -36.18 8.61 8.90
CA GLU G 102 -36.37 7.98 10.20
C GLU G 102 -37.67 7.17 10.22
N ALA G 103 -38.69 7.57 9.47
CA ALA G 103 -39.87 6.71 9.38
C ALA G 103 -39.55 5.34 8.73
N LEU G 104 -38.78 5.41 7.68
CA LEU G 104 -38.36 4.17 7.03
C LEU G 104 -37.54 3.28 7.96
N MET G 105 -36.73 3.94 8.81
CA MET G 105 -35.93 3.17 9.71
C MET G 105 -36.84 2.43 10.69
N TRP G 106 -37.88 3.11 11.12
CA TRP G 106 -38.85 2.44 11.97
C TRP G 106 -39.64 1.31 11.29
N MET G 107 -40.01 1.57 10.02
CA MET G 107 -40.67 0.48 9.29
C MET G 107 -39.78 -0.76 9.20
N ASN G 108 -38.52 -0.51 8.99
CA ASN G 108 -37.58 -1.63 8.93
C ASN G 108 -37.40 -2.35 10.26
N ARG G 109 -37.40 -1.53 11.30
CA ARG G 109 -37.35 -2.11 12.63
C ARG G 109 -38.54 -3.00 12.88
N ARG G 110 -39.67 -2.60 12.36
CA ARG G 110 -40.83 -3.47 12.49
C ARG G 110 -40.62 -4.80 11.71
N VAL G 111 -40.13 -4.66 10.48
CA VAL G 111 -39.88 -5.90 9.71
C VAL G 111 -38.91 -6.79 10.46
N GLU G 112 -37.85 -6.21 11.00
CA GLU G 112 -36.82 -7.01 11.65
C GLU G 112 -37.33 -7.62 12.94
N ASP G 113 -38.09 -6.84 13.73
CA ASP G 113 -38.77 -7.39 14.90
C ASP G 113 -39.66 -8.58 14.52
N ARG G 114 -40.41 -8.45 13.42
CA ARG G 114 -41.35 -9.51 13.09
C ARG G 114 -40.63 -10.75 12.54
N ILE G 115 -39.47 -10.57 11.89
CA ILE G 115 -38.64 -11.72 11.52
C ILE G 115 -38.11 -12.42 12.77
N GLU G 116 -37.68 -11.63 13.76
CA GLU G 116 -37.10 -12.25 14.95
C GLU G 116 -38.16 -13.02 15.74
N ARG G 117 -39.40 -12.56 15.72
CA ARG G 117 -40.49 -13.23 16.41
C ARG G 117 -41.18 -14.28 15.54
N ASN G 118 -40.70 -14.45 14.31
CA ASN G 118 -41.27 -15.42 13.36
C ASN G 118 -42.75 -15.18 13.13
N VAL G 119 -43.15 -13.91 13.00
CA VAL G 119 -44.54 -13.54 12.70
C VAL G 119 -44.67 -12.73 11.42
N LEU G 120 -43.58 -12.46 10.72
CA LEU G 120 -43.67 -11.68 9.49
C LEU G 120 -44.52 -12.45 8.48
N GLY G 121 -45.54 -11.78 7.95
CA GLY G 121 -46.41 -12.42 6.97
C GLY G 121 -47.55 -13.19 7.58
N THR G 122 -47.83 -12.97 8.87
CA THR G 122 -48.99 -13.57 9.52
C THR G 122 -49.78 -12.50 10.28
N ASN G 123 -51.10 -12.73 10.38
CA ASN G 123 -52.00 -11.81 11.05
C ASN G 123 -51.95 -12.05 12.55
N THR G 124 -50.90 -11.50 13.17
CA THR G 124 -50.60 -11.65 14.59
C THR G 124 -49.94 -10.37 15.06
N LYS G 125 -50.27 -9.93 16.27
CA LYS G 125 -49.61 -8.72 16.78
C LYS G 125 -48.10 -8.96 16.98
N PRO H 1 -29.52 -2.13 -12.77
CA PRO H 1 -28.84 -1.88 -11.49
C PRO H 1 -28.79 -0.40 -11.15
N MET H 2 -28.31 0.40 -12.09
CA MET H 2 -28.08 1.82 -11.92
C MET H 2 -29.34 2.64 -11.63
N LYS H 3 -30.54 2.07 -11.83
CA LYS H 3 -31.76 2.80 -11.51
C LYS H 3 -32.60 2.16 -10.41
N GLU H 4 -32.18 1.01 -9.86
CA GLU H 4 -32.83 0.46 -8.69
C GLU H 4 -32.44 1.23 -7.44
N LEU H 5 -33.44 1.58 -6.63
CA LEU H 5 -33.16 2.29 -5.39
C LEU H 5 -32.49 1.39 -4.37
N SER H 6 -31.47 1.93 -3.70
CA SER H 6 -30.87 1.31 -2.51
C SER H 6 -31.71 1.72 -1.31
N THR H 7 -32.36 0.76 -0.68
CA THR H 7 -33.36 1.05 0.34
C THR H 7 -32.82 0.83 1.74
N ILE H 8 -33.52 1.43 2.71
CA ILE H 8 -33.18 1.14 4.11
C ILE H 8 -33.45 -0.32 4.45
N GLN H 9 -34.59 -0.86 4.03
CA GLN H 9 -34.85 -2.28 4.25
C GLN H 9 -33.93 -3.12 3.37
N LYS H 10 -33.35 -4.15 3.97
CA LYS H 10 -32.49 -5.07 3.23
C LYS H 10 -33.01 -6.49 3.20
N ARG H 11 -33.85 -6.90 4.14
CA ARG H 11 -34.22 -8.30 4.26
C ARG H 11 -35.71 -8.48 4.00
N GLU H 12 -36.05 -9.59 3.34
CA GLU H 12 -37.45 -9.98 3.14
C GLU H 12 -38.24 -8.89 2.41
N LYS H 13 -37.64 -8.28 1.41
CA LYS H 13 -38.32 -7.24 0.65
C LYS H 13 -39.38 -7.82 -0.27
N LEU H 14 -40.56 -7.20 -0.27
CA LEU H 14 -41.62 -7.60 -1.18
C LEU H 14 -41.32 -7.18 -2.61
N ASN H 15 -40.90 -5.92 -2.79
CA ASN H 15 -40.80 -5.27 -4.09
C ASN H 15 -39.44 -4.61 -4.26
N THR H 16 -39.08 -4.41 -5.52
CA THR H 16 -38.00 -3.55 -5.95
C THR H 16 -38.58 -2.24 -6.50
N VAL H 17 -37.90 -1.11 -6.24
CA VAL H 17 -38.31 0.17 -6.77
C VAL H 17 -37.23 0.64 -7.74
N GLU H 18 -37.67 1.21 -8.87
CA GLU H 18 -36.75 1.63 -9.93
C GLU H 18 -37.15 3.01 -10.45
N ARG H 19 -36.15 3.86 -10.71
CA ARG H 19 -36.40 5.11 -11.42
C ARG H 19 -36.72 4.83 -12.87
N ILE H 20 -37.58 5.66 -13.46
CA ILE H 20 -37.94 5.56 -14.87
C ILE H 20 -37.56 6.88 -15.53
N GLY H 21 -37.03 6.81 -16.74
CA GLY H 21 -36.66 8.04 -17.43
C GLY H 21 -35.36 8.63 -16.89
N SER H 22 -35.27 9.95 -16.96
CA SER H 22 -34.05 10.67 -16.67
C SER H 22 -34.31 11.75 -15.63
N GLU H 23 -33.23 12.38 -15.15
CA GLU H 23 -33.39 13.50 -14.22
C GLU H 23 -34.12 14.65 -14.87
N GLY H 24 -35.02 15.27 -14.12
CA GLY H 24 -35.84 16.34 -14.62
C GLY H 24 -35.60 17.63 -13.86
N PRO H 25 -36.61 18.50 -13.86
CA PRO H 25 -36.46 19.80 -13.17
C PRO H 25 -36.10 19.63 -11.70
N GLY H 26 -35.14 20.42 -11.24
CA GLY H 26 -34.71 20.31 -9.86
C GLY H 26 -33.75 19.18 -9.59
N GLY H 27 -33.53 18.29 -10.57
CA GLY H 27 -32.61 17.19 -10.43
C GLY H 27 -33.24 15.86 -10.10
N ALA H 28 -34.55 15.83 -9.84
CA ALA H 28 -35.22 14.62 -9.42
C ALA H 28 -35.75 13.83 -10.61
N TYR H 29 -36.06 12.57 -10.34
CA TYR H 29 -36.83 11.75 -11.26
C TYR H 29 -38.32 11.95 -10.99
N HIS H 30 -39.12 11.85 -12.06
CA HIS H 30 -40.55 12.10 -11.95
C HIS H 30 -41.39 10.90 -12.36
N GLU H 31 -40.79 9.72 -12.50
CA GLU H 31 -41.53 8.48 -12.71
C GLU H 31 -40.76 7.32 -12.07
N TYR H 32 -41.50 6.46 -11.39
CA TYR H 32 -40.91 5.31 -10.72
C TYR H 32 -41.77 4.09 -11.01
N VAL H 33 -41.17 2.92 -10.90
CA VAL H 33 -41.93 1.68 -10.95
C VAL H 33 -41.60 0.82 -9.74
N ILE H 34 -42.65 0.23 -9.16
CA ILE H 34 -42.60 -0.70 -8.03
C ILE H 34 -42.94 -2.07 -8.61
N LYS H 35 -42.00 -3.01 -8.55
CA LYS H 35 -42.23 -4.31 -9.15
C LYS H 35 -41.98 -5.41 -8.13
N SER H 36 -42.78 -6.47 -8.22
CA SER H 36 -42.68 -7.53 -7.25
C SER H 36 -41.42 -8.37 -7.44
N ASN H 37 -40.93 -8.91 -6.34
CA ASN H 37 -39.81 -9.83 -6.47
C ASN H 37 -40.31 -11.23 -6.83
N SER H 38 -41.62 -11.38 -7.04
CA SER H 38 -42.25 -12.65 -7.39
C SER H 38 -42.92 -12.54 -8.75
N MET H 39 -43.12 -13.69 -9.39
CA MET H 39 -43.85 -13.81 -10.66
C MET H 39 -45.07 -14.70 -10.48
N ASP H 40 -46.06 -14.51 -11.37
CA ASP H 40 -47.23 -15.40 -11.40
C ASP H 40 -46.94 -16.62 -12.26
N SER H 41 -47.97 -17.47 -12.43
CA SER H 41 -47.78 -18.75 -13.08
C SER H 41 -47.55 -18.65 -14.59
N GLN H 42 -47.71 -17.45 -15.17
CA GLN H 42 -47.36 -17.24 -16.57
C GLN H 42 -46.10 -16.42 -16.74
N GLY H 43 -45.31 -16.26 -15.67
CA GLY H 43 -44.04 -15.55 -15.77
C GLY H 43 -44.13 -14.05 -15.76
N ASN H 44 -45.26 -13.48 -15.38
CA ASN H 44 -45.42 -12.03 -15.27
C ASN H 44 -45.27 -11.58 -13.84
N TYR H 45 -44.86 -10.34 -13.67
CA TYR H 45 -44.79 -9.77 -12.32
C TYR H 45 -46.14 -9.82 -11.64
N ASP H 46 -46.14 -10.16 -10.34
CA ASP H 46 -47.36 -10.04 -9.55
C ASP H 46 -47.71 -8.57 -9.33
N VAL H 47 -46.71 -7.70 -9.31
CA VAL H 47 -46.88 -6.26 -9.07
C VAL H 47 -46.01 -5.53 -10.09
N TYR H 48 -46.63 -4.64 -10.85
CA TYR H 48 -45.86 -3.75 -11.73
C TYR H 48 -46.63 -2.43 -11.77
N GLU H 49 -46.24 -1.53 -10.88
CA GLU H 49 -47.01 -0.32 -10.66
C GLU H 49 -46.17 0.90 -10.94
N THR H 50 -46.66 1.78 -11.81
CA THR H 50 -45.93 2.97 -12.21
C THR H 50 -46.53 4.16 -11.48
N ILE H 51 -45.68 5.01 -10.93
CA ILE H 51 -46.12 6.23 -10.27
C ILE H 51 -45.48 7.40 -10.99
N LYS H 52 -46.32 8.27 -11.58
CA LYS H 52 -45.89 9.44 -12.33
C LYS H 52 -46.14 10.68 -11.48
N PHE H 53 -45.12 11.51 -11.35
CA PHE H 53 -45.18 12.74 -10.57
C PHE H 53 -45.50 13.97 -11.42
N GLN H 54 -46.13 14.97 -10.80
CA GLN H 54 -46.25 16.26 -11.46
C GLN H 54 -44.87 16.77 -11.86
N LYS H 55 -44.75 17.15 -13.13
CA LYS H 55 -43.51 17.61 -13.73
C LYS H 55 -43.88 18.80 -14.61
N GLY H 56 -43.48 19.99 -14.17
CA GLY H 56 -44.03 21.23 -14.70
C GLY H 56 -45.26 21.67 -13.95
N ALA H 57 -45.54 22.98 -14.02
CA ALA H 57 -46.64 23.56 -13.26
C ALA H 57 -47.99 23.02 -13.71
N ARG H 58 -48.88 22.79 -12.73
CA ARG H 58 -50.21 22.26 -13.05
C ARG H 58 -50.98 23.18 -13.98
N LYS H 59 -50.75 24.49 -13.89
CA LYS H 59 -51.47 25.40 -14.76
C LYS H 59 -51.08 25.27 -16.23
N GLU H 60 -49.93 24.66 -16.54
CA GLU H 60 -49.56 24.39 -17.94
C GLU H 60 -50.25 23.13 -18.44
N GLU H 61 -50.98 23.26 -19.55
CA GLU H 61 -51.73 22.13 -20.07
C GLU H 61 -50.79 20.99 -20.49
N LYS H 62 -49.62 21.31 -21.00
CA LYS H 62 -48.69 20.31 -21.51
C LYS H 62 -47.69 19.83 -20.47
N SER H 63 -47.78 20.30 -19.23
CA SER H 63 -47.00 19.66 -18.18
C SER H 63 -47.39 18.19 -18.05
N GLN H 64 -46.47 17.39 -17.50
CA GLN H 64 -46.82 16.03 -17.07
C GLN H 64 -47.59 16.11 -15.77
N HIS H 65 -48.88 15.86 -15.80
CA HIS H 65 -49.70 15.97 -14.60
C HIS H 65 -49.65 14.65 -13.83
N GLY H 66 -49.49 14.74 -12.52
CA GLY H 66 -49.48 13.53 -11.73
C GLY H 66 -49.49 13.80 -10.25
N VAL H 67 -48.98 12.82 -9.51
CA VAL H 67 -49.03 12.85 -8.06
C VAL H 67 -47.96 13.76 -7.48
N ILE H 68 -48.09 14.05 -6.21
CA ILE H 68 -47.04 14.77 -5.50
C ILE H 68 -46.72 14.04 -4.21
N ASP H 69 -45.55 14.31 -3.66
CA ASP H 69 -45.05 13.45 -2.58
C ASP H 69 -45.98 13.46 -1.37
N SER H 70 -46.57 14.61 -1.06
CA SER H 70 -47.45 14.63 0.09
C SER H 70 -48.68 13.74 -0.10
N ASP H 71 -49.11 13.49 -1.35
CA ASP H 71 -50.21 12.55 -1.57
C ASP H 71 -49.84 11.15 -1.06
N LEU H 72 -48.62 10.73 -1.38
CA LEU H 72 -48.13 9.41 -0.98
C LEU H 72 -47.98 9.34 0.54
N LEU H 73 -47.46 10.41 1.14
CA LEU H 73 -47.34 10.40 2.59
C LEU H 73 -48.67 10.45 3.30
N GLU H 74 -49.66 11.13 2.73
CA GLU H 74 -50.99 11.12 3.35
C GLU H 74 -51.61 9.73 3.28
N ILE H 75 -51.40 8.99 2.19
CA ILE H 75 -51.90 7.62 2.14
C ILE H 75 -51.27 6.77 3.24
N VAL H 76 -49.95 6.91 3.41
CA VAL H 76 -49.25 6.10 4.41
C VAL H 76 -49.69 6.52 5.82
N ARG H 77 -49.88 7.82 6.03
CA ARG H 77 -50.39 8.28 7.31
C ARG H 77 -51.76 7.66 7.61
N ASP H 78 -52.65 7.64 6.61
CA ASP H 78 -53.98 7.08 6.84
C ASP H 78 -53.89 5.61 7.21
N ARG H 79 -53.04 4.87 6.50
CA ARG H 79 -52.93 3.44 6.82
C ARG H 79 -52.34 3.21 8.20
N LEU H 80 -51.27 3.93 8.55
CA LEU H 80 -50.65 3.77 9.88
C LEU H 80 -51.61 4.13 11.00
N LYS H 81 -52.38 5.21 10.83
CA LYS H 81 -53.41 5.52 11.81
C LYS H 81 -54.41 4.39 11.95
N SER H 82 -54.86 3.81 10.83
CA SER H 82 -55.79 2.70 10.89
C SER H 82 -55.19 1.51 11.60
N PHE H 83 -53.96 1.12 11.23
CA PHE H 83 -53.32 -0.03 11.87
C PHE H 83 -53.15 0.19 13.36
N GLN H 84 -52.88 1.44 13.76
CA GLN H 84 -52.68 1.68 15.19
C GLN H 84 -53.96 1.63 15.99
N ALA H 85 -55.11 1.84 15.34
CA ALA H 85 -56.39 1.62 16.00
C ALA H 85 -56.85 0.17 15.94
N GLY H 86 -56.09 -0.70 15.27
CA GLY H 86 -56.51 -2.05 15.02
C GLY H 86 -55.82 -3.04 15.94
N PRO H 87 -55.94 -4.34 15.62
CA PRO H 87 -55.38 -5.36 16.52
C PRO H 87 -53.89 -5.61 16.33
N PHE H 88 -53.26 -5.01 15.32
CA PHE H 88 -51.88 -5.30 15.00
C PHE H 88 -51.04 -4.04 15.12
N SER H 89 -51.28 -3.28 16.17
CA SER H 89 -50.54 -2.04 16.41
C SER H 89 -49.15 -2.35 16.98
N SER H 90 -48.29 -1.32 16.97
CA SER H 90 -46.94 -1.50 17.51
C SER H 90 -46.31 -0.15 17.78
N ARG H 91 -45.28 -0.18 18.65
CA ARG H 91 -44.49 1.02 18.88
C ARG H 91 -43.77 1.45 17.60
N GLU H 92 -43.31 0.50 16.79
CA GLU H 92 -42.62 0.85 15.55
C GLU H 92 -43.55 1.61 14.61
N ASN H 93 -44.80 1.15 14.47
CA ASN H 93 -45.79 1.90 13.69
C ASN H 93 -45.94 3.29 14.25
N ALA H 94 -46.01 3.41 15.58
CA ALA H 94 -46.27 4.71 16.20
C ALA H 94 -45.18 5.69 15.85
N CYS H 95 -43.93 5.27 15.97
CA CYS H 95 -42.82 6.16 15.65
C CYS H 95 -42.79 6.49 14.17
N ALA H 96 -43.06 5.49 13.33
CA ALA H 96 -43.10 5.77 11.90
C ALA H 96 -44.18 6.78 11.57
N LEU H 97 -45.34 6.65 12.19
CA LEU H 97 -46.46 7.54 11.91
C LEU H 97 -46.14 8.96 12.37
N THR H 98 -45.54 9.12 13.54
CA THR H 98 -45.26 10.48 13.96
C THR H 98 -44.24 11.13 13.03
N HIS H 99 -43.24 10.35 12.58
CA HIS H 99 -42.29 10.92 11.62
C HIS H 99 -42.96 11.25 10.30
N VAL H 100 -43.87 10.39 9.81
CA VAL H 100 -44.58 10.70 8.57
C VAL H 100 -45.38 11.98 8.72
N GLU H 101 -46.03 12.14 9.84
CA GLU H 101 -46.76 13.43 10.08
C GLU H 101 -45.89 14.65 10.12
N GLU H 102 -44.76 14.53 10.80
CA GLU H 102 -43.86 15.63 10.81
C GLU H 102 -43.27 15.98 9.42
N ALA H 103 -43.01 14.93 8.63
CA ALA H 103 -42.57 15.23 7.26
C ALA H 103 -43.65 16.03 6.47
N LEU H 104 -44.89 15.60 6.63
CA LEU H 104 -45.98 16.30 5.95
C LEU H 104 -46.12 17.76 6.40
N MET H 105 -45.91 17.95 7.71
CA MET H 105 -45.99 19.30 8.23
C MET H 105 -44.89 20.17 7.56
N TRP H 106 -43.69 19.60 7.44
CA TRP H 106 -42.62 20.29 6.75
C TRP H 106 -42.85 20.52 5.24
N MET H 107 -43.48 19.54 4.58
CA MET H 107 -43.84 19.72 3.18
C MET H 107 -44.86 20.85 3.06
N ASN H 108 -45.77 20.91 4.01
CA ASN H 108 -46.74 22.02 4.03
C ASN H 108 -46.10 23.38 4.32
N ARG H 109 -45.12 23.32 5.19
CA ARG H 109 -44.40 24.56 5.46
C ARG H 109 -43.72 25.09 4.22
N ARG H 110 -43.21 24.18 3.40
CA ARG H 110 -42.62 24.59 2.13
C ARG H 110 -43.67 25.26 1.22
N VAL H 111 -44.82 24.65 1.18
CA VAL H 111 -45.86 25.18 0.31
C VAL H 111 -46.26 26.58 0.77
N GLU H 112 -46.37 26.70 2.08
CA GLU H 112 -46.82 27.98 2.61
C GLU H 112 -45.75 29.02 2.41
N ASP H 113 -44.52 28.65 2.69
CA ASP H 113 -43.41 29.55 2.40
C ASP H 113 -43.39 29.99 0.95
N ARG H 114 -43.60 29.06 0.03
CA ARG H 114 -43.56 29.44 -1.37
C ARG H 114 -44.77 30.29 -1.77
N ILE H 115 -45.93 30.10 -1.12
CA ILE H 115 -47.06 30.99 -1.38
C ILE H 115 -46.75 32.39 -0.88
N GLU H 116 -46.15 32.50 0.31
CA GLU H 116 -45.82 33.80 0.89
C GLU H 116 -44.82 34.55 0.01
N ARG H 117 -43.84 33.83 -0.55
CA ARG H 117 -42.83 34.42 -1.40
C ARG H 117 -43.27 34.55 -2.85
N ASN H 118 -44.50 34.11 -3.17
CA ASN H 118 -45.05 34.17 -4.51
C ASN H 118 -44.18 33.43 -5.54
N VAL H 119 -43.68 32.25 -5.17
CA VAL H 119 -42.89 31.41 -6.07
C VAL H 119 -43.49 30.02 -6.28
N LEU H 120 -44.62 29.72 -5.64
CA LEU H 120 -45.20 28.39 -5.81
C LEU H 120 -45.58 28.15 -7.28
N GLY H 121 -45.09 27.05 -7.83
CA GLY H 121 -45.37 26.72 -9.22
C GLY H 121 -44.40 27.33 -10.20
N THR H 122 -43.25 27.82 -9.71
CA THR H 122 -42.19 28.37 -10.54
C THR H 122 -40.88 27.72 -10.20
N ASN H 123 -40.00 27.64 -11.19
CA ASN H 123 -38.67 27.03 -11.03
C ASN H 123 -37.73 28.11 -10.51
N THR H 124 -37.83 28.35 -9.20
CA THR H 124 -37.11 29.41 -8.50
C THR H 124 -36.83 28.88 -7.10
N LYS H 125 -35.64 29.11 -6.58
CA LYS H 125 -35.35 28.64 -5.22
C LYS H 125 -36.26 29.28 -4.16
N PRO I 1 -6.79 18.14 33.74
CA PRO I 1 -7.99 18.98 33.55
C PRO I 1 -8.64 18.82 32.16
N MET I 2 -7.92 19.06 31.05
CA MET I 2 -8.39 18.79 29.70
C MET I 2 -8.25 17.36 29.22
N LYS I 3 -8.17 16.40 30.12
CA LYS I 3 -8.62 15.07 29.74
C LYS I 3 -10.05 14.79 30.18
N GLU I 4 -10.54 15.53 31.19
CA GLU I 4 -11.86 15.28 31.75
C GLU I 4 -12.97 15.81 30.84
N LEU I 5 -13.98 14.98 30.58
CA LEU I 5 -15.08 15.39 29.73
C LEU I 5 -16.00 16.35 30.46
N SER I 6 -16.41 17.38 29.75
CA SER I 6 -17.47 18.28 30.20
C SER I 6 -18.80 17.65 29.80
N THR I 7 -19.59 17.29 30.78
CA THR I 7 -20.79 16.48 30.56
C THR I 7 -22.05 17.32 30.64
N ILE I 8 -23.12 16.78 30.07
CA ILE I 8 -24.43 17.41 30.19
C ILE I 8 -24.91 17.39 31.65
N GLN I 9 -24.75 16.27 32.34
CA GLN I 9 -25.09 16.26 33.76
C GLN I 9 -24.08 17.07 34.57
N LYS I 10 -24.59 17.88 35.50
CA LYS I 10 -23.74 18.70 36.34
C LYS I 10 -23.80 18.39 37.84
N ARG I 11 -24.93 17.93 38.30
CA ARG I 11 -25.12 17.62 39.69
C ARG I 11 -25.17 16.15 40.02
N GLU I 12 -24.65 15.80 41.19
CA GLU I 12 -24.79 14.44 41.70
C GLU I 12 -24.21 13.40 40.78
N LYS I 13 -23.06 13.73 40.25
CA LYS I 13 -22.43 12.80 39.32
C LYS I 13 -21.76 11.69 40.08
N LEU I 14 -22.01 10.45 39.65
CA LEU I 14 -21.34 9.29 40.24
C LEU I 14 -19.86 9.29 39.90
N ASN I 15 -19.52 9.51 38.61
CA ASN I 15 -18.19 9.24 38.08
C ASN I 15 -17.71 10.42 37.24
N THR I 16 -16.40 10.52 37.09
CA THR I 16 -15.76 11.39 36.10
C THR I 16 -15.24 10.53 34.95
N VAL I 17 -15.30 11.09 33.75
CA VAL I 17 -14.84 10.41 32.53
C VAL I 17 -13.66 11.19 31.99
N GLU I 18 -12.58 10.48 31.66
CA GLU I 18 -11.37 11.10 31.15
C GLU I 18 -10.92 10.42 29.87
N ARG I 19 -10.42 11.22 28.93
CA ARG I 19 -9.73 10.68 27.77
C ARG I 19 -8.38 10.12 28.19
N ILE I 20 -7.94 9.06 27.52
CA ILE I 20 -6.65 8.44 27.77
C ILE I 20 -5.86 8.49 26.47
N GLY I 21 -4.58 8.83 26.57
CA GLY I 21 -3.78 8.89 25.36
C GLY I 21 -4.05 10.13 24.53
N SER I 22 -3.89 9.98 23.22
CA SER I 22 -3.90 11.09 22.29
C SER I 22 -4.91 10.88 21.18
N GLU I 23 -5.13 11.93 20.40
CA GLU I 23 -5.99 11.84 19.23
C GLU I 23 -5.47 10.77 18.30
N GLY I 24 -6.38 10.00 17.73
CA GLY I 24 -6.02 8.96 16.81
C GLY I 24 -6.62 9.23 15.45
N PRO I 25 -6.77 8.16 14.67
CA PRO I 25 -7.33 8.30 13.32
C PRO I 25 -8.72 8.92 13.37
N GLY I 26 -8.98 9.85 12.46
CA GLY I 26 -10.26 10.53 12.44
C GLY I 26 -10.39 11.68 13.40
N GLY I 27 -9.42 11.84 14.31
CA GLY I 27 -9.43 12.95 15.25
C GLY I 27 -9.95 12.60 16.64
N ALA I 28 -10.44 11.38 16.83
CA ALA I 28 -11.04 11.00 18.08
C ALA I 28 -10.06 10.28 18.98
N TYR I 29 -10.44 10.20 20.24
CA TYR I 29 -9.70 9.37 21.19
C TYR I 29 -10.26 7.95 21.18
N HIS I 30 -9.38 6.99 21.47
CA HIS I 30 -9.78 5.59 21.38
C HIS I 30 -9.57 4.85 22.69
N GLU I 31 -9.39 5.57 23.79
CA GLU I 31 -9.38 4.95 25.11
C GLU I 31 -9.87 5.98 26.12
N TYR I 32 -10.69 5.53 27.06
CA TYR I 32 -11.29 6.40 28.06
C TYR I 32 -11.24 5.68 29.39
N VAL I 33 -11.25 6.44 30.48
CA VAL I 33 -11.40 5.87 31.81
C VAL I 33 -12.61 6.50 32.48
N ILE I 34 -13.38 5.69 33.18
CA ILE I 34 -14.49 6.11 34.04
C ILE I 34 -14.06 5.85 35.47
N LYS I 35 -13.96 6.89 36.29
CA LYS I 35 -13.48 6.73 37.65
C LYS I 35 -14.50 7.31 38.62
N SER I 36 -14.66 6.63 39.76
CA SER I 36 -15.63 7.08 40.74
C SER I 36 -15.19 8.38 41.41
N ASN I 37 -16.18 9.19 41.79
CA ASN I 37 -15.92 10.35 42.62
C ASN I 37 -15.78 9.98 44.09
N SER I 38 -15.67 8.69 44.39
CA SER I 38 -15.57 8.14 45.72
C SER I 38 -14.37 7.21 45.84
N MET I 39 -13.84 7.11 47.06
CA MET I 39 -12.75 6.20 47.40
C MET I 39 -13.21 5.15 48.38
N ASP I 40 -12.53 4.00 48.37
CA ASP I 40 -12.79 2.95 49.34
C ASP I 40 -11.95 3.21 50.58
N SER I 41 -12.03 2.31 51.55
CA SER I 41 -11.42 2.60 52.84
C SER I 41 -9.89 2.50 52.81
N GLN I 42 -9.29 2.04 51.72
CA GLN I 42 -7.84 2.06 51.55
C GLN I 42 -7.38 3.15 50.59
N GLY I 43 -8.25 4.09 50.25
CA GLY I 43 -7.88 5.22 49.43
C GLY I 43 -7.86 4.95 47.94
N ASN I 44 -8.39 3.82 47.50
CA ASN I 44 -8.49 3.51 46.08
C ASN I 44 -9.86 3.88 45.53
N TYR I 45 -9.90 4.16 44.23
CA TYR I 45 -11.16 4.38 43.54
C TYR I 45 -12.11 3.21 43.72
N ASP I 46 -13.37 3.51 44.01
CA ASP I 46 -14.40 2.47 43.98
C ASP I 46 -14.62 1.98 42.55
N VAL I 47 -14.45 2.84 41.55
CA VAL I 47 -14.61 2.49 40.15
C VAL I 47 -13.42 3.02 39.38
N TYR I 48 -12.78 2.15 38.58
CA TYR I 48 -11.71 2.57 37.69
C TYR I 48 -11.84 1.67 36.47
N GLU I 49 -12.61 2.11 35.49
CA GLU I 49 -13.02 1.27 34.37
C GLU I 49 -12.40 1.85 33.11
N THR I 50 -11.60 1.04 32.40
CA THR I 50 -11.00 1.47 31.15
C THR I 50 -11.82 0.92 29.99
N ILE I 51 -12.07 1.75 28.98
CA ILE I 51 -12.74 1.29 27.77
C ILE I 51 -11.85 1.63 26.58
N LYS I 52 -11.41 0.59 25.85
CA LYS I 52 -10.57 0.72 24.67
C LYS I 52 -11.41 0.47 23.42
N PHE I 53 -11.31 1.36 22.45
CA PHE I 53 -12.05 1.26 21.19
C PHE I 53 -11.19 0.63 20.11
N GLN I 54 -11.86 -0.03 19.17
CA GLN I 54 -11.19 -0.43 17.94
C GLN I 54 -10.50 0.75 17.28
N LYS I 55 -9.22 0.57 17.00
CA LYS I 55 -8.39 1.60 16.37
C LYS I 55 -7.56 0.91 15.31
N GLY I 56 -7.82 1.24 14.05
CA GLY I 56 -7.33 0.43 12.94
C GLY I 56 -8.31 -0.68 12.61
N ALA I 57 -8.24 -1.16 11.37
CA ALA I 57 -9.20 -2.12 10.87
C ALA I 57 -9.09 -3.45 11.61
N ARG I 58 -10.22 -4.12 11.82
CA ARG I 58 -10.20 -5.37 12.58
C ARG I 58 -9.47 -6.47 11.82
N LYS I 59 -9.41 -6.39 10.49
CA LYS I 59 -8.73 -7.45 9.74
C LYS I 59 -7.22 -7.42 9.93
N GLU I 60 -6.65 -6.28 10.35
CA GLU I 60 -5.21 -6.18 10.61
C GLU I 60 -4.87 -6.61 12.03
N GLU I 61 -4.01 -7.61 12.14
CA GLU I 61 -3.73 -8.23 13.43
C GLU I 61 -3.18 -7.23 14.44
N LYS I 62 -2.36 -6.29 14.00
CA LYS I 62 -1.71 -5.36 14.92
C LYS I 62 -2.55 -4.12 15.20
N SER I 63 -3.79 -4.07 14.72
CA SER I 63 -4.67 -2.98 15.15
C SER I 63 -4.94 -3.09 16.66
N GLN I 64 -5.36 -1.98 17.26
CA GLN I 64 -5.85 -2.04 18.63
C GLN I 64 -7.30 -2.51 18.57
N HIS I 65 -7.54 -3.76 18.94
CA HIS I 65 -8.89 -4.29 18.81
C HIS I 65 -9.68 -3.94 20.05
N GLY I 66 -10.93 -3.54 19.85
CA GLY I 66 -11.70 -3.12 21.00
C GLY I 66 -13.17 -2.95 20.67
N VAL I 67 -13.84 -2.20 21.55
CA VAL I 67 -15.27 -1.98 21.41
C VAL I 67 -15.54 -0.92 20.36
N ILE I 68 -16.80 -0.86 19.95
CA ILE I 68 -17.24 0.21 19.07
C ILE I 68 -18.48 0.85 19.69
N ASP I 69 -18.80 2.06 19.23
CA ASP I 69 -19.76 2.88 19.95
C ASP I 69 -21.16 2.25 19.99
N SER I 70 -21.55 1.56 18.90
CA SER I 70 -22.84 0.90 18.91
C SER I 70 -22.93 -0.20 19.94
N ASP I 71 -21.81 -0.83 20.33
CA ASP I 71 -21.86 -1.82 21.41
C ASP I 71 -22.32 -1.18 22.72
N LEU I 72 -21.78 0.00 23.02
CA LEU I 72 -22.13 0.70 24.24
C LEU I 72 -23.59 1.16 24.19
N LEU I 73 -24.02 1.70 23.05
CA LEU I 73 -25.42 2.09 22.95
C LEU I 73 -26.36 0.91 23.00
N GLU I 74 -25.96 -0.27 22.50
CA GLU I 74 -26.85 -1.41 22.60
C GLU I 74 -27.01 -1.86 24.05
N ILE I 75 -25.92 -1.76 24.84
CA ILE I 75 -26.02 -2.06 26.28
C ILE I 75 -26.98 -1.10 26.98
N VAL I 76 -26.90 0.19 26.63
CA VAL I 76 -27.77 1.18 27.27
C VAL I 76 -29.22 0.97 26.83
N ARG I 77 -29.43 0.69 25.54
CA ARG I 77 -30.75 0.30 25.01
C ARG I 77 -31.36 -0.87 25.79
N ASP I 78 -30.56 -1.92 26.01
CA ASP I 78 -31.06 -3.09 26.71
C ASP I 78 -31.47 -2.76 28.14
N ARG I 79 -30.66 -1.94 28.82
CA ARG I 79 -31.00 -1.59 30.20
C ARG I 79 -32.25 -0.72 30.25
N LEU I 80 -32.33 0.29 29.38
CA LEU I 80 -33.50 1.17 29.40
C LEU I 80 -34.78 0.39 29.07
N LYS I 81 -34.71 -0.53 28.11
CA LYS I 81 -35.88 -1.36 27.85
C LYS I 81 -36.29 -2.14 29.10
N SER I 82 -35.30 -2.73 29.78
CA SER I 82 -35.60 -3.46 31.01
C SER I 82 -36.22 -2.56 32.06
N PHE I 83 -35.62 -1.39 32.29
CA PHE I 83 -36.18 -0.47 33.30
C PHE I 83 -37.61 -0.07 32.94
N GLN I 84 -37.89 0.10 31.64
CA GLN I 84 -39.23 0.53 31.27
C GLN I 84 -40.25 -0.57 31.43
N ALA I 85 -39.81 -1.83 31.45
CA ALA I 85 -40.72 -2.92 31.76
C ALA I 85 -40.85 -3.18 33.26
N GLY I 86 -40.07 -2.50 34.10
CA GLY I 86 -40.01 -2.77 35.52
C GLY I 86 -40.77 -1.73 36.34
N PRO I 87 -40.55 -1.74 37.67
CA PRO I 87 -41.34 -0.87 38.55
C PRO I 87 -40.86 0.58 38.64
N PHE I 88 -39.73 0.91 38.04
CA PHE I 88 -39.14 2.24 38.16
C PHE I 88 -39.03 2.88 36.79
N SER I 89 -40.07 2.71 35.98
CA SER I 89 -40.14 3.31 34.66
C SER I 89 -40.39 4.82 34.76
N SER I 90 -40.18 5.52 33.64
CA SER I 90 -40.45 6.95 33.58
C SER I 90 -40.53 7.44 32.14
N ARG I 91 -41.17 8.60 31.97
CA ARG I 91 -41.17 9.28 30.68
C ARG I 91 -39.77 9.70 30.27
N GLU I 92 -38.94 10.13 31.22
CA GLU I 92 -37.57 10.49 30.86
C GLU I 92 -36.81 9.29 30.31
N ASN I 93 -36.97 8.12 30.93
CA ASN I 93 -36.36 6.91 30.38
C ASN I 93 -36.84 6.66 28.96
N ALA I 94 -38.14 6.83 28.72
CA ALA I 94 -38.68 6.47 27.42
C ALA I 94 -38.13 7.40 26.35
N CYS I 95 -38.04 8.69 26.65
CA CYS I 95 -37.46 9.62 25.69
C CYS I 95 -35.98 9.30 25.45
N ALA I 96 -35.25 9.01 26.53
CA ALA I 96 -33.85 8.61 26.37
C ALA I 96 -33.72 7.39 25.47
N LEU I 97 -34.53 6.36 25.70
CA LEU I 97 -34.48 5.12 24.94
C LEU I 97 -34.80 5.36 23.47
N THR I 98 -35.83 6.16 23.17
CA THR I 98 -36.13 6.37 21.76
C THR I 98 -35.00 7.10 21.07
N HIS I 99 -34.38 8.07 21.75
CA HIS I 99 -33.19 8.70 21.16
C HIS I 99 -32.02 7.74 21.01
N VAL I 100 -31.79 6.88 22.00
CA VAL I 100 -30.71 5.89 21.88
C VAL I 100 -30.93 4.99 20.68
N GLU I 101 -32.18 4.52 20.50
CA GLU I 101 -32.48 3.62 19.38
C GLU I 101 -32.31 4.35 18.06
N GLU I 102 -32.77 5.61 17.98
CA GLU I 102 -32.61 6.31 16.71
C GLU I 102 -31.11 6.59 16.44
N ALA I 103 -30.33 6.89 17.47
CA ALA I 103 -28.87 6.99 17.31
C ALA I 103 -28.31 5.70 16.71
N LEU I 104 -28.69 4.59 17.23
CA LEU I 104 -28.19 3.32 16.69
C LEU I 104 -28.63 3.08 15.26
N MET I 105 -29.86 3.56 14.95
CA MET I 105 -30.33 3.38 13.60
C MET I 105 -29.42 4.16 12.65
N TRP I 106 -29.04 5.35 13.09
CA TRP I 106 -28.13 6.14 12.29
C TRP I 106 -26.71 5.58 12.18
N MET I 107 -26.21 5.02 13.28
CA MET I 107 -24.90 4.38 13.23
C MET I 107 -24.96 3.21 12.22
N ASN I 108 -26.07 2.52 12.21
CA ASN I 108 -26.22 1.40 11.26
C ASN I 108 -26.31 1.89 9.81
N ARG I 109 -26.99 3.01 9.66
CA ARG I 109 -27.04 3.59 8.32
C ARG I 109 -25.64 3.93 7.80
N ARG I 110 -24.79 4.39 8.70
CA ARG I 110 -23.40 4.65 8.30
C ARG I 110 -22.70 3.38 7.83
N VAL I 111 -22.89 2.33 8.59
CA VAL I 111 -22.21 1.09 8.24
C VAL I 111 -22.71 0.63 6.87
N GLU I 112 -24.03 0.72 6.70
CA GLU I 112 -24.63 0.27 5.45
C GLU I 112 -24.17 1.11 4.28
N ASP I 113 -24.11 2.41 4.48
CA ASP I 113 -23.59 3.27 3.42
C ASP I 113 -22.11 2.95 3.11
N ARG I 114 -21.33 2.71 4.16
CA ARG I 114 -19.93 2.41 3.88
C ARG I 114 -19.76 1.06 3.21
N ILE I 115 -20.62 0.09 3.51
CA ILE I 115 -20.60 -1.17 2.78
C ILE I 115 -20.93 -0.94 1.32
N GLU I 116 -21.96 -0.15 1.06
CA GLU I 116 -22.41 0.03 -0.32
C GLU I 116 -21.36 0.79 -1.14
N ARG I 117 -20.67 1.74 -0.51
CA ARG I 117 -19.60 2.49 -1.19
C ARG I 117 -18.26 1.76 -1.17
N ASN I 118 -18.19 0.59 -0.53
CA ASN I 118 -16.97 -0.22 -0.45
C ASN I 118 -15.83 0.48 0.29
N VAL I 119 -16.14 1.18 1.38
CA VAL I 119 -15.14 1.89 2.17
C VAL I 119 -15.12 1.46 3.62
N LEU I 120 -15.97 0.51 4.01
CA LEU I 120 -16.00 0.10 5.40
C LEU I 120 -14.67 -0.52 5.80
N GLY I 121 -14.10 -0.04 6.88
CA GLY I 121 -12.79 -0.52 7.31
C GLY I 121 -11.64 0.13 6.58
N THR I 122 -11.85 1.29 5.96
CA THR I 122 -10.77 2.08 5.38
C THR I 122 -10.89 3.54 5.80
N ASN I 123 -9.72 4.18 5.94
CA ASN I 123 -9.64 5.57 6.36
C ASN I 123 -9.93 6.48 5.16
N THR I 124 -11.19 6.52 4.79
CA THR I 124 -11.70 7.28 3.65
C THR I 124 -13.01 7.91 4.07
N LYS I 125 -13.32 9.09 3.56
CA LYS I 125 -14.58 9.72 3.92
C LYS I 125 -15.74 8.93 3.31
#